data_1U57
#
_entry.id   1U57
#
_entity_poly.entity_id   1
_entity_poly.type   'polypeptide(L)'
_entity_poly.pdbx_seq_one_letter_code
;LEEMMTACQGVGGPGHKARVLAEAMSQVTNSATIMMQRGNFRNQRKIV
;
_entity_poly.pdbx_strand_id   A
#
# COMPACT_ATOMS: atom_id res chain seq x y z
N LEU A 1 -9.02 -25.64 -19.75
CA LEU A 1 -8.12 -24.63 -19.16
C LEU A 1 -8.66 -24.16 -17.82
N GLU A 2 -7.79 -24.05 -16.81
CA GLU A 2 -8.10 -23.52 -15.49
C GLU A 2 -8.17 -22.00 -15.60
N GLU A 3 -9.21 -21.48 -16.25
CA GLU A 3 -9.41 -20.07 -16.56
C GLU A 3 -9.80 -19.13 -15.42
N MET A 4 -9.65 -19.65 -14.21
CA MET A 4 -9.82 -18.96 -12.95
C MET A 4 -8.75 -17.88 -12.82
N MET A 5 -7.50 -18.26 -13.12
CA MET A 5 -6.35 -17.38 -13.15
C MET A 5 -6.46 -16.33 -14.26
N THR A 6 -7.13 -16.69 -15.36
CA THR A 6 -7.36 -15.80 -16.49
C THR A 6 -8.39 -14.74 -16.12
N ALA A 7 -9.46 -15.16 -15.45
CA ALA A 7 -10.52 -14.28 -14.97
C ALA A 7 -10.00 -13.35 -13.89
N CYS A 8 -9.33 -13.92 -12.88
CA CYS A 8 -8.85 -13.22 -11.70
C CYS A 8 -7.50 -12.56 -11.98
N GLN A 9 -7.47 -11.70 -13.00
CA GLN A 9 -6.30 -11.02 -13.51
C GLN A 9 -6.55 -9.53 -13.76
N GLY A 10 -7.81 -9.07 -13.67
CA GLY A 10 -8.22 -7.71 -13.98
C GLY A 10 -9.48 -7.73 -14.84
N VAL A 11 -9.62 -8.72 -15.73
CA VAL A 11 -10.71 -8.81 -16.70
C VAL A 11 -12.03 -9.19 -16.04
N GLY A 12 -11.97 -10.17 -15.12
CA GLY A 12 -13.10 -10.62 -14.33
C GLY A 12 -12.92 -10.12 -12.90
N GLY A 13 -12.14 -10.88 -12.11
CA GLY A 13 -11.75 -10.51 -10.76
C GLY A 13 -10.42 -9.76 -10.81
N PRO A 14 -10.08 -9.03 -9.74
CA PRO A 14 -8.78 -8.37 -9.64
C PRO A 14 -7.71 -9.46 -9.60
N GLY A 15 -7.59 -10.13 -8.45
CA GLY A 15 -6.75 -11.29 -8.11
C GLY A 15 -5.27 -10.96 -7.97
N HIS A 16 -4.80 -10.18 -8.92
CA HIS A 16 -3.46 -9.62 -9.03
C HIS A 16 -3.58 -8.10 -8.98
N LYS A 17 -4.66 -7.55 -9.54
CA LYS A 17 -4.95 -6.14 -9.42
C LYS A 17 -5.18 -5.83 -7.92
N ALA A 18 -5.57 -6.86 -7.16
CA ALA A 18 -5.71 -6.82 -5.71
C ALA A 18 -4.32 -6.70 -5.09
N ARG A 19 -3.32 -7.39 -5.66
CA ARG A 19 -1.94 -7.31 -5.20
C ARG A 19 -1.31 -5.95 -5.59
N VAL A 20 -1.68 -5.41 -6.76
CA VAL A 20 -1.23 -4.09 -7.19
C VAL A 20 -1.78 -3.03 -6.26
N LEU A 21 -3.07 -3.16 -5.89
CA LEU A 21 -3.66 -2.27 -4.92
C LEU A 21 -2.86 -2.42 -3.63
N ALA A 22 -2.76 -3.63 -3.07
CA ALA A 22 -2.07 -3.90 -1.82
C ALA A 22 -0.69 -3.23 -1.77
N GLU A 23 0.03 -3.25 -2.89
CA GLU A 23 1.33 -2.61 -3.04
C GLU A 23 1.20 -1.11 -2.88
N ALA A 24 0.20 -0.54 -3.56
CA ALA A 24 -0.02 0.88 -3.62
C ALA A 24 -0.55 1.41 -2.31
N MET A 25 -1.47 0.70 -1.65
CA MET A 25 -2.07 1.23 -0.45
C MET A 25 -1.04 1.21 0.67
N SER A 26 -0.16 0.20 0.67
CA SER A 26 0.94 0.12 1.60
C SER A 26 1.87 1.33 1.38
N GLN A 27 2.07 1.73 0.12
CA GLN A 27 2.98 2.81 -0.26
C GLN A 27 2.38 4.19 0.00
N VAL A 28 1.09 4.35 -0.27
CA VAL A 28 0.37 5.60 -0.15
C VAL A 28 0.23 5.94 1.33
N THR A 29 -0.22 4.95 2.11
CA THR A 29 -0.31 5.07 3.56
C THR A 29 1.06 5.29 4.18
N ASN A 30 2.10 4.66 3.61
CA ASN A 30 3.47 4.88 4.04
C ASN A 30 3.86 6.32 3.77
N SER A 31 3.47 6.85 2.61
CA SER A 31 3.78 8.22 2.23
C SER A 31 3.15 9.18 3.23
N ALA A 32 1.97 8.84 3.74
CA ALA A 32 1.32 9.60 4.79
C ALA A 32 2.00 9.35 6.14
N THR A 33 2.59 8.16 6.35
CA THR A 33 3.36 7.87 7.56
C THR A 33 4.57 8.80 7.61
N ILE A 34 5.13 9.13 6.44
CA ILE A 34 6.22 10.10 6.34
C ILE A 34 5.73 11.47 6.80
N MET A 35 4.45 11.82 6.59
CA MET A 35 3.86 13.07 7.03
C MET A 35 3.69 13.12 8.55
N MET A 36 3.24 12.00 9.15
CA MET A 36 3.08 11.88 10.59
C MET A 36 4.45 12.05 11.24
N GLN A 37 5.41 11.28 10.72
CA GLN A 37 6.81 11.29 11.03
C GLN A 37 7.36 12.73 10.93
N ARG A 38 6.92 13.49 9.91
CA ARG A 38 7.22 14.91 9.71
C ARG A 38 6.34 15.74 10.65
N GLY A 39 6.60 15.53 11.93
CA GLY A 39 5.90 16.07 13.07
C GLY A 39 6.37 15.32 14.32
N ASN A 40 6.20 14.00 14.30
CA ASN A 40 6.69 13.07 15.33
C ASN A 40 8.17 12.80 15.11
N PHE A 41 8.95 13.90 15.08
CA PHE A 41 10.39 13.96 14.90
C PHE A 41 10.80 15.39 15.20
N ARG A 42 10.22 16.33 14.45
CA ARG A 42 10.37 17.76 14.62
C ARG A 42 10.10 18.17 16.06
N ASN A 43 8.91 17.79 16.54
CA ASN A 43 8.47 18.04 17.90
C ASN A 43 9.32 17.26 18.89
N GLN A 44 9.55 15.99 18.56
CA GLN A 44 10.23 15.02 19.36
C GLN A 44 11.71 15.32 19.59
N ARG A 45 12.34 14.46 20.38
CA ARG A 45 13.73 14.56 20.85
C ARG A 45 13.97 15.86 21.63
N LYS A 46 12.92 16.37 22.29
CA LYS A 46 12.87 17.60 23.01
C LYS A 46 12.63 17.20 24.45
N ILE A 47 11.59 17.81 24.97
CA ILE A 47 10.98 17.61 26.28
C ILE A 47 9.70 16.80 26.03
N VAL A 48 9.87 15.50 25.80
CA VAL A 48 8.81 14.57 25.44
C VAL A 48 9.05 13.23 26.15
N LEU A 1 -8.34 -26.64 -23.86
CA LEU A 1 -7.63 -25.36 -23.67
C LEU A 1 -7.32 -25.13 -22.19
N GLU A 2 -6.35 -24.24 -21.91
CA GLU A 2 -5.92 -23.88 -20.56
C GLU A 2 -6.92 -22.96 -19.86
N GLU A 3 -8.14 -23.47 -19.64
CA GLU A 3 -9.27 -22.72 -19.08
C GLU A 3 -9.25 -22.42 -17.59
N MET A 4 -8.08 -22.63 -17.02
CA MET A 4 -7.68 -22.33 -15.66
C MET A 4 -6.80 -21.09 -15.67
N MET A 5 -5.79 -21.09 -16.54
CA MET A 5 -4.90 -19.97 -16.77
C MET A 5 -5.67 -18.80 -17.38
N THR A 6 -6.59 -19.11 -18.30
CA THR A 6 -7.43 -18.13 -18.97
C THR A 6 -8.38 -17.48 -17.97
N ALA A 7 -8.91 -18.29 -17.04
CA ALA A 7 -9.79 -17.81 -15.97
C ALA A 7 -9.00 -16.92 -15.02
N CYS A 8 -7.99 -17.52 -14.37
CA CYS A 8 -7.12 -16.85 -13.40
C CYS A 8 -5.95 -16.22 -14.14
N GLN A 9 -6.26 -15.30 -15.05
CA GLN A 9 -5.29 -14.55 -15.83
C GLN A 9 -4.70 -13.40 -15.01
N GLY A 10 -3.77 -12.65 -15.62
CA GLY A 10 -3.01 -11.58 -14.98
C GLY A 10 -3.76 -10.25 -14.95
N VAL A 11 -5.09 -10.29 -14.94
CA VAL A 11 -5.95 -9.11 -14.82
C VAL A 11 -5.88 -8.53 -13.40
N GLY A 12 -5.71 -9.40 -12.40
CA GLY A 12 -5.73 -9.03 -10.99
C GLY A 12 -7.18 -9.05 -10.52
N GLY A 13 -7.62 -10.19 -9.99
CA GLY A 13 -8.97 -10.37 -9.47
C GLY A 13 -9.27 -9.42 -8.30
N PRO A 14 -10.55 -9.23 -7.95
CA PRO A 14 -11.01 -8.30 -6.92
C PRO A 14 -10.32 -8.52 -5.59
N GLY A 15 -10.36 -9.78 -5.15
CA GLY A 15 -9.72 -10.27 -3.93
C GLY A 15 -8.27 -9.80 -3.78
N HIS A 16 -7.51 -9.72 -4.88
CA HIS A 16 -6.15 -9.19 -4.86
C HIS A 16 -6.13 -7.70 -5.09
N LYS A 17 -7.05 -7.15 -5.88
CA LYS A 17 -7.17 -5.72 -6.07
C LYS A 17 -7.45 -5.04 -4.71
N ALA A 18 -8.09 -5.78 -3.80
CA ALA A 18 -8.33 -5.36 -2.43
C ALA A 18 -7.01 -5.36 -1.67
N ARG A 19 -6.19 -6.41 -1.84
CA ARG A 19 -4.92 -6.53 -1.15
C ARG A 19 -3.91 -5.50 -1.65
N VAL A 20 -3.90 -5.27 -2.97
CA VAL A 20 -2.97 -4.41 -3.68
C VAL A 20 -3.31 -2.95 -3.38
N LEU A 21 -4.60 -2.62 -3.27
CA LEU A 21 -5.02 -1.30 -2.85
C LEU A 21 -4.55 -1.15 -1.42
N ALA A 22 -4.96 -2.04 -0.51
CA ALA A 22 -4.62 -1.97 0.92
C ALA A 22 -3.13 -1.69 1.14
N GLU A 23 -2.27 -2.32 0.33
CA GLU A 23 -0.84 -2.10 0.37
C GLU A 23 -0.50 -0.67 0.00
N ALA A 24 -1.11 -0.20 -1.08
CA ALA A 24 -0.83 1.10 -1.65
C ALA A 24 -1.39 2.21 -0.79
N MET A 25 -2.58 2.06 -0.22
CA MET A 25 -3.17 3.13 0.54
C MET A 25 -2.39 3.30 1.84
N SER A 26 -1.91 2.19 2.42
CA SER A 26 -1.05 2.22 3.58
C SER A 26 0.24 2.97 3.25
N GLN A 27 0.77 2.77 2.04
CA GLN A 27 2.04 3.34 1.60
C GLN A 27 1.91 4.82 1.22
N VAL A 28 0.81 5.19 0.55
CA VAL A 28 0.55 6.54 0.06
C VAL A 28 0.29 7.43 1.27
N THR A 29 -0.60 6.98 2.16
CA THR A 29 -0.88 7.66 3.41
C THR A 29 0.36 7.72 4.29
N ASN A 30 1.20 6.68 4.26
CA ASN A 30 2.48 6.66 4.96
C ASN A 30 3.37 7.76 4.39
N SER A 31 3.39 7.89 3.06
CA SER A 31 4.23 8.87 2.39
C SER A 31 3.82 10.28 2.81
N ALA A 32 2.55 10.47 3.14
CA ALA A 32 2.03 11.72 3.68
C ALA A 32 2.24 11.81 5.19
N THR A 33 2.26 10.66 5.91
CA THR A 33 2.57 10.63 7.33
C THR A 33 4.00 11.13 7.54
N ILE A 34 4.89 10.82 6.59
CA ILE A 34 6.25 11.29 6.59
C ILE A 34 6.26 12.82 6.53
N MET A 35 5.30 13.42 5.79
CA MET A 35 5.19 14.88 5.63
C MET A 35 4.76 15.54 6.94
N MET A 36 3.78 14.95 7.62
CA MET A 36 3.31 15.42 8.92
C MET A 36 4.46 15.35 9.91
N GLN A 37 5.08 14.18 9.95
CA GLN A 37 6.25 13.85 10.73
C GLN A 37 7.43 14.78 10.40
N ARG A 38 7.48 15.33 9.17
CA ARG A 38 8.46 16.33 8.71
C ARG A 38 8.17 17.73 9.28
N GLY A 39 7.94 17.76 10.58
CA GLY A 39 7.55 18.92 11.37
C GLY A 39 7.18 18.43 12.77
N ASN A 40 6.21 17.51 12.85
CA ASN A 40 5.75 16.88 14.08
C ASN A 40 6.74 15.78 14.49
N PHE A 41 7.98 16.18 14.78
CA PHE A 41 9.11 15.36 15.18
C PHE A 41 10.26 16.31 15.47
N ARG A 42 10.58 17.13 14.47
CA ARG A 42 11.57 18.20 14.50
C ARG A 42 11.25 19.18 15.61
N ASN A 43 10.02 19.71 15.58
CA ASN A 43 9.51 20.69 16.52
C ASN A 43 9.39 20.06 17.90
N GLN A 44 8.82 18.85 17.93
CA GLN A 44 8.56 18.08 19.11
C GLN A 44 9.81 17.92 19.97
N ARG A 45 10.78 17.21 19.39
CA ARG A 45 12.03 16.83 20.03
C ARG A 45 11.71 16.02 21.29
N LYS A 46 11.22 14.80 21.10
CA LYS A 46 10.89 13.85 22.11
C LYS A 46 12.13 12.99 22.29
N ILE A 47 11.88 11.72 22.14
CA ILE A 47 12.85 10.63 22.14
C ILE A 47 13.32 10.46 20.69
N VAL A 48 14.20 11.38 20.27
CA VAL A 48 14.78 11.44 18.92
C VAL A 48 16.27 11.75 19.02
N LEU A 1 -11.48 -17.15 -24.35
CA LEU A 1 -11.36 -18.06 -23.20
C LEU A 1 -12.72 -18.23 -22.52
N GLU A 2 -12.93 -19.37 -21.84
CA GLU A 2 -14.13 -19.66 -21.09
C GLU A 2 -14.33 -18.65 -19.95
N GLU A 3 -15.59 -18.49 -19.54
CA GLU A 3 -16.05 -17.50 -18.57
C GLU A 3 -15.69 -17.69 -17.10
N MET A 4 -14.80 -18.64 -16.86
CA MET A 4 -14.21 -18.96 -15.59
C MET A 4 -13.25 -17.84 -15.21
N MET A 5 -12.41 -17.42 -16.17
CA MET A 5 -11.51 -16.30 -16.04
C MET A 5 -12.28 -14.99 -15.92
N THR A 6 -13.40 -14.87 -16.63
CA THR A 6 -14.26 -13.70 -16.62
C THR A 6 -14.93 -13.55 -15.24
N ALA A 7 -15.31 -14.68 -14.64
CA ALA A 7 -15.88 -14.71 -13.30
C ALA A 7 -14.81 -14.40 -12.25
N CYS A 8 -13.66 -15.07 -12.36
CA CYS A 8 -12.55 -15.00 -11.41
C CYS A 8 -11.37 -14.28 -12.06
N GLN A 9 -11.53 -12.96 -12.25
CA GLN A 9 -10.49 -12.08 -12.74
C GLN A 9 -9.47 -11.81 -11.64
N GLY A 10 -8.60 -12.80 -11.39
CA GLY A 10 -7.52 -12.71 -10.41
C GLY A 10 -6.55 -11.61 -10.80
N VAL A 11 -6.04 -11.66 -12.05
CA VAL A 11 -5.12 -10.74 -12.68
C VAL A 11 -4.01 -10.35 -11.70
N GLY A 12 -3.48 -11.41 -11.11
CA GLY A 12 -2.49 -11.39 -10.05
C GLY A 12 -2.89 -12.38 -8.95
N GLY A 13 -4.16 -12.34 -8.55
CA GLY A 13 -4.73 -13.17 -7.50
C GLY A 13 -4.60 -12.48 -6.14
N PRO A 14 -5.42 -12.85 -5.15
CA PRO A 14 -5.49 -12.22 -3.84
C PRO A 14 -4.15 -12.18 -3.13
N GLY A 15 -3.55 -13.36 -3.02
CA GLY A 15 -2.24 -13.56 -2.39
C GLY A 15 -1.18 -12.56 -2.87
N HIS A 16 -1.15 -12.28 -4.17
CA HIS A 16 -0.21 -11.32 -4.76
C HIS A 16 -0.75 -9.89 -4.69
N LYS A 17 -2.08 -9.72 -4.75
CA LYS A 17 -2.71 -8.43 -4.57
C LYS A 17 -2.40 -7.91 -3.16
N ALA A 18 -2.25 -8.83 -2.21
CA ALA A 18 -1.84 -8.56 -0.84
C ALA A 18 -0.35 -8.25 -0.79
N ARG A 19 0.48 -8.88 -1.65
CA ARG A 19 1.90 -8.58 -1.73
C ARG A 19 2.12 -7.16 -2.24
N VAL A 20 1.38 -6.81 -3.30
CA VAL A 20 1.39 -5.51 -3.94
C VAL A 20 0.93 -4.45 -2.96
N LEU A 21 -0.14 -4.77 -2.21
CA LEU A 21 -0.62 -3.89 -1.16
C LEU A 21 0.48 -3.68 -0.14
N ALA A 22 1.05 -4.75 0.43
CA ALA A 22 2.11 -4.68 1.42
C ALA A 22 3.28 -3.79 0.96
N GLU A 23 3.62 -3.85 -0.33
CA GLU A 23 4.64 -3.01 -0.95
C GLU A 23 4.21 -1.55 -0.86
N ALA A 24 2.97 -1.28 -1.26
CA ALA A 24 2.44 0.07 -1.33
C ALA A 24 2.23 0.66 0.07
N MET A 25 1.86 -0.16 1.04
CA MET A 25 1.72 0.21 2.43
C MET A 25 3.07 0.27 3.14
N SER A 26 4.16 0.11 2.38
CA SER A 26 5.52 0.28 2.84
C SER A 26 6.03 1.57 2.19
N GLN A 27 5.63 1.81 0.93
CA GLN A 27 6.06 2.90 0.09
C GLN A 27 5.35 4.22 0.43
N VAL A 28 4.03 4.16 0.60
CA VAL A 28 3.18 5.32 0.86
C VAL A 28 3.48 5.78 2.28
N THR A 29 3.51 4.81 3.20
CA THR A 29 3.86 4.93 4.56
C THR A 29 5.26 5.53 4.70
N ASN A 30 6.18 5.20 3.78
CA ASN A 30 7.51 5.81 3.74
C ASN A 30 7.40 7.25 3.29
N SER A 31 6.62 7.48 2.23
CA SER A 31 6.45 8.81 1.63
C SER A 31 5.91 9.77 2.69
N ALA A 32 5.03 9.25 3.57
CA ALA A 32 4.50 9.98 4.70
C ALA A 32 5.57 10.13 5.78
N THR A 33 6.47 9.15 5.95
CA THR A 33 7.59 9.26 6.87
C THR A 33 8.52 10.36 6.40
N ILE A 34 8.68 10.53 5.08
CA ILE A 34 9.49 11.61 4.54
C ILE A 34 8.84 12.94 4.90
N MET A 35 7.50 13.02 4.90
CA MET A 35 6.78 14.25 5.23
C MET A 35 6.82 14.52 6.73
N MET A 36 6.79 13.49 7.58
CA MET A 36 6.86 13.64 9.03
C MET A 36 8.26 14.10 9.43
N GLN A 37 9.26 13.57 8.73
CA GLN A 37 10.67 13.88 8.80
C GLN A 37 10.86 15.33 8.33
N ARG A 38 10.12 15.75 7.30
CA ARG A 38 10.04 17.12 6.76
C ARG A 38 9.07 17.95 7.61
N GLY A 39 9.28 17.85 8.91
CA GLY A 39 8.54 18.51 9.97
C GLY A 39 9.37 18.46 11.25
N ASN A 40 9.63 17.23 11.72
CA ASN A 40 10.47 16.84 12.86
C ASN A 40 10.70 17.90 13.94
N PHE A 41 9.62 18.58 14.36
CA PHE A 41 9.60 19.65 15.35
C PHE A 41 8.14 19.98 15.62
N ARG A 42 7.45 20.42 14.57
CA ARG A 42 6.02 20.69 14.56
C ARG A 42 5.27 19.35 14.62
N ASN A 43 5.79 18.40 13.84
CA ASN A 43 5.27 17.05 13.69
C ASN A 43 5.40 16.25 14.98
N GLN A 44 6.45 16.55 15.76
CA GLN A 44 6.82 15.86 16.97
C GLN A 44 5.75 15.93 18.06
N ARG A 45 6.03 15.27 19.19
CA ARG A 45 5.12 15.11 20.32
C ARG A 45 3.84 14.41 19.83
N LYS A 46 4.04 13.22 19.27
CA LYS A 46 3.05 12.39 18.64
C LYS A 46 2.86 11.19 19.56
N ILE A 47 3.04 10.05 18.93
CA ILE A 47 3.06 8.69 19.45
C ILE A 47 4.30 8.02 18.88
N VAL A 48 4.96 7.18 19.70
CA VAL A 48 6.16 6.46 19.30
C VAL A 48 5.75 5.28 18.41
N LEU A 1 -16.89 -20.23 -24.90
CA LEU A 1 -16.10 -19.03 -25.21
C LEU A 1 -14.63 -19.34 -25.46
N GLU A 2 -13.89 -18.36 -25.98
CA GLU A 2 -12.45 -18.45 -26.18
C GLU A 2 -11.75 -18.29 -24.83
N GLU A 3 -11.75 -19.36 -24.03
CA GLU A 3 -11.24 -19.39 -22.65
C GLU A 3 -9.72 -19.34 -22.46
N MET A 4 -9.05 -18.97 -23.53
CA MET A 4 -7.64 -18.72 -23.65
C MET A 4 -7.28 -17.49 -22.81
N MET A 5 -7.99 -16.39 -23.07
CA MET A 5 -7.87 -15.14 -22.34
C MET A 5 -8.27 -15.32 -20.88
N THR A 6 -9.21 -16.23 -20.61
CA THR A 6 -9.66 -16.55 -19.27
C THR A 6 -8.56 -17.29 -18.50
N ALA A 7 -7.85 -18.20 -19.20
CA ALA A 7 -6.71 -18.91 -18.64
C ALA A 7 -5.58 -17.94 -18.31
N CYS A 8 -5.04 -17.29 -19.34
CA CYS A 8 -3.95 -16.32 -19.20
C CYS A 8 -4.50 -14.92 -18.94
N GLN A 9 -5.35 -14.82 -17.91
CA GLN A 9 -5.95 -13.57 -17.47
C GLN A 9 -4.98 -12.77 -16.60
N GLY A 10 -4.24 -13.47 -15.74
CA GLY A 10 -3.34 -12.87 -14.76
C GLY A 10 -4.17 -12.22 -13.66
N VAL A 11 -5.11 -12.98 -13.09
CA VAL A 11 -6.04 -12.51 -12.08
C VAL A 11 -5.34 -12.35 -10.73
N GLY A 12 -4.42 -13.27 -10.42
CA GLY A 12 -3.65 -13.26 -9.18
C GLY A 12 -4.34 -14.07 -8.08
N GLY A 13 -5.67 -14.02 -8.03
CA GLY A 13 -6.51 -14.65 -7.03
C GLY A 13 -7.09 -13.58 -6.10
N PRO A 14 -8.25 -13.85 -5.46
CA PRO A 14 -8.95 -12.87 -4.63
C PRO A 14 -8.14 -12.50 -3.40
N GLY A 15 -7.93 -13.49 -2.53
CA GLY A 15 -7.16 -13.38 -1.31
C GLY A 15 -5.77 -12.79 -1.55
N HIS A 16 -5.16 -13.10 -2.71
CA HIS A 16 -3.86 -12.58 -3.09
C HIS A 16 -3.95 -11.14 -3.61
N LYS A 17 -5.04 -10.78 -4.31
CA LYS A 17 -5.25 -9.40 -4.72
C LYS A 17 -5.37 -8.53 -3.46
N ALA A 18 -6.00 -9.08 -2.43
CA ALA A 18 -6.13 -8.47 -1.12
C ALA A 18 -4.77 -8.44 -0.41
N ARG A 19 -3.93 -9.47 -0.60
CA ARG A 19 -2.60 -9.47 0.01
C ARG A 19 -1.71 -8.39 -0.62
N VAL A 20 -1.81 -8.23 -1.95
CA VAL A 20 -1.07 -7.25 -2.71
C VAL A 20 -1.52 -5.85 -2.31
N LEU A 21 -2.84 -5.67 -2.16
CA LEU A 21 -3.38 -4.41 -1.67
C LEU A 21 -2.84 -4.16 -0.27
N ALA A 22 -2.93 -5.12 0.65
CA ALA A 22 -2.44 -4.96 2.02
C ALA A 22 -0.97 -4.52 2.05
N GLU A 23 -0.16 -5.04 1.13
CA GLU A 23 1.24 -4.66 0.99
C GLU A 23 1.33 -3.17 0.62
N ALA A 24 0.60 -2.80 -0.42
CA ALA A 24 0.65 -1.45 -0.98
C ALA A 24 0.06 -0.45 -0.01
N MET A 25 -1.01 -0.82 0.70
CA MET A 25 -1.66 0.03 1.65
C MET A 25 -0.64 0.32 2.72
N SER A 26 -0.10 -0.73 3.33
CA SER A 26 0.95 -0.62 4.35
C SER A 26 2.06 0.34 3.90
N GLN A 27 2.48 0.24 2.64
CA GLN A 27 3.60 0.98 2.06
C GLN A 27 3.24 2.46 1.82
N VAL A 28 2.02 2.70 1.32
CA VAL A 28 1.53 4.02 0.94
C VAL A 28 1.32 4.81 2.23
N THR A 29 0.58 4.19 3.15
CA THR A 29 0.30 4.63 4.48
C THR A 29 1.60 4.89 5.27
N ASN A 30 2.66 4.11 5.03
CA ASN A 30 3.97 4.35 5.64
C ASN A 30 4.57 5.62 5.04
N SER A 31 4.51 5.72 3.72
CA SER A 31 5.02 6.87 2.98
C SER A 31 4.32 8.16 3.41
N ALA A 32 3.11 8.03 3.97
CA ALA A 32 2.36 9.14 4.54
C ALA A 32 2.66 9.27 6.04
N THR A 33 3.01 8.16 6.73
CA THR A 33 3.44 8.22 8.12
C THR A 33 4.71 9.06 8.20
N ILE A 34 5.55 8.99 7.16
CA ILE A 34 6.73 9.80 7.01
C ILE A 34 6.33 11.27 7.05
N MET A 35 5.21 11.63 6.41
CA MET A 35 4.72 13.00 6.31
C MET A 35 4.20 13.50 7.66
N MET A 36 3.50 12.63 8.39
CA MET A 36 2.99 12.93 9.73
C MET A 36 4.18 13.20 10.65
N GLN A 37 5.13 12.26 10.61
CA GLN A 37 6.41 12.29 11.28
C GLN A 37 7.15 13.58 10.92
N ARG A 38 7.07 14.01 9.65
CA ARG A 38 7.59 15.27 9.10
C ARG A 38 6.59 16.41 9.38
N GLY A 39 6.18 16.44 10.64
CA GLY A 39 5.24 17.36 11.24
C GLY A 39 5.39 17.29 12.75
N ASN A 40 4.98 16.16 13.35
CA ASN A 40 5.08 15.91 14.78
C ASN A 40 6.48 15.43 15.16
N PHE A 41 7.48 16.24 14.80
CA PHE A 41 8.88 16.08 15.12
C PHE A 41 9.56 17.44 14.97
N ARG A 42 9.33 18.05 13.80
CA ARG A 42 9.77 19.40 13.47
C ARG A 42 9.15 20.40 14.44
N ASN A 43 7.84 20.21 14.69
CA ASN A 43 7.07 20.99 15.65
C ASN A 43 7.60 20.73 17.06
N GLN A 44 7.86 19.45 17.36
CA GLN A 44 8.26 18.96 18.65
C GLN A 44 9.68 19.40 19.01
N ARG A 45 10.19 18.84 20.11
CA ARG A 45 11.55 19.02 20.59
C ARG A 45 11.74 20.43 21.13
N LYS A 46 11.28 20.64 22.37
CA LYS A 46 11.41 21.86 23.14
C LYS A 46 12.75 21.80 23.88
N ILE A 47 13.79 21.56 23.09
CA ILE A 47 15.18 21.34 23.50
C ILE A 47 15.27 20.02 24.25
N VAL A 48 14.91 18.93 23.54
CA VAL A 48 14.96 17.57 24.02
C VAL A 48 14.88 16.65 22.80
N LEU A 1 -12.42 -25.19 -20.81
CA LEU A 1 -11.46 -24.47 -21.68
C LEU A 1 -10.03 -24.74 -21.25
N GLU A 2 -9.06 -24.29 -22.06
CA GLU A 2 -7.64 -24.37 -21.74
C GLU A 2 -7.30 -23.49 -20.54
N GLU A 3 -6.04 -23.54 -20.10
CA GLU A 3 -5.52 -22.88 -18.90
C GLU A 3 -5.44 -21.35 -18.90
N MET A 4 -6.05 -20.76 -19.89
CA MET A 4 -6.23 -19.33 -20.08
C MET A 4 -7.22 -18.82 -19.03
N MET A 5 -8.24 -19.63 -18.75
CA MET A 5 -9.22 -19.41 -17.71
C MET A 5 -8.59 -19.42 -16.32
N THR A 6 -7.45 -20.12 -16.18
CA THR A 6 -6.69 -20.13 -14.93
C THR A 6 -5.74 -18.93 -14.89
N ALA A 7 -5.13 -18.62 -16.04
CA ALA A 7 -4.12 -17.58 -16.21
C ALA A 7 -4.61 -16.19 -15.79
N CYS A 8 -5.93 -15.97 -15.74
CA CYS A 8 -6.54 -14.76 -15.26
C CYS A 8 -6.65 -14.87 -13.74
N GLN A 9 -7.79 -14.41 -13.25
CA GLN A 9 -8.24 -14.25 -11.88
C GLN A 9 -7.32 -14.87 -10.82
N GLY A 10 -6.67 -14.01 -10.02
CA GLY A 10 -5.68 -14.40 -9.03
C GLY A 10 -4.44 -13.55 -9.22
N VAL A 11 -3.86 -13.60 -10.42
CA VAL A 11 -2.72 -12.77 -10.81
C VAL A 11 -3.17 -11.35 -11.17
N GLY A 12 -4.39 -11.19 -11.68
CA GLY A 12 -4.99 -9.92 -12.01
C GLY A 12 -6.52 -9.99 -11.91
N GLY A 13 -7.02 -10.57 -10.81
CA GLY A 13 -8.43 -10.67 -10.51
C GLY A 13 -8.93 -9.47 -9.70
N PRO A 14 -10.21 -9.46 -9.30
CA PRO A 14 -10.78 -8.44 -8.44
C PRO A 14 -10.00 -8.34 -7.13
N GLY A 15 -9.94 -9.48 -6.45
CA GLY A 15 -9.17 -9.69 -5.23
C GLY A 15 -7.71 -9.23 -5.36
N HIS A 16 -7.12 -9.29 -6.56
CA HIS A 16 -5.76 -8.83 -6.80
C HIS A 16 -5.71 -7.33 -7.01
N LYS A 17 -6.71 -6.75 -7.68
CA LYS A 17 -6.79 -5.30 -7.80
C LYS A 17 -6.91 -4.70 -6.41
N ALA A 18 -7.63 -5.40 -5.53
CA ALA A 18 -7.78 -5.06 -4.13
C ALA A 18 -6.48 -5.29 -3.36
N ARG A 19 -5.70 -6.33 -3.72
CA ARG A 19 -4.43 -6.58 -3.07
C ARG A 19 -3.42 -5.48 -3.39
N VAL A 20 -3.41 -5.05 -4.66
CA VAL A 20 -2.53 -4.00 -5.16
C VAL A 20 -2.93 -2.66 -4.54
N LEU A 21 -4.24 -2.41 -4.44
CA LEU A 21 -4.72 -1.22 -3.76
C LEU A 21 -4.27 -1.25 -2.32
N ALA A 22 -4.53 -2.34 -1.58
CA ALA A 22 -4.16 -2.47 -0.17
C ALA A 22 -2.67 -2.18 0.06
N GLU A 23 -1.82 -2.59 -0.88
CA GLU A 23 -0.39 -2.31 -0.85
C GLU A 23 -0.15 -0.80 -0.95
N ALA A 24 -0.83 -0.17 -1.90
CA ALA A 24 -0.67 1.26 -2.17
C ALA A 24 -1.28 2.10 -1.05
N MET A 25 -2.37 1.64 -0.44
CA MET A 25 -3.00 2.27 0.70
C MET A 25 -2.24 1.99 1.99
N SER A 26 -1.11 1.28 1.89
CA SER A 26 -0.20 1.04 2.99
C SER A 26 1.03 1.93 2.76
N GLN A 27 1.41 2.12 1.50
CA GLN A 27 2.59 2.84 1.05
C GLN A 27 2.38 4.35 0.98
N VAL A 28 1.24 4.79 0.42
CA VAL A 28 0.90 6.19 0.26
C VAL A 28 0.72 6.75 1.67
N THR A 29 -0.09 6.03 2.44
CA THR A 29 -0.39 6.20 3.82
C THR A 29 0.87 6.20 4.68
N ASN A 30 1.88 5.40 4.30
CA ASN A 30 3.17 5.40 4.99
C ASN A 30 3.93 6.69 4.67
N SER A 31 3.89 7.15 3.42
CA SER A 31 4.57 8.38 3.02
C SER A 31 4.01 9.56 3.85
N ALA A 32 2.70 9.54 4.08
CA ALA A 32 2.03 10.51 4.93
C ALA A 32 2.38 10.27 6.41
N THR A 33 2.58 9.01 6.82
CA THR A 33 3.02 8.74 8.18
C THR A 33 4.45 9.26 8.40
N ILE A 34 5.28 9.22 7.36
CA ILE A 34 6.63 9.76 7.39
C ILE A 34 6.58 11.29 7.37
N MET A 35 5.42 11.91 7.16
CA MET A 35 5.23 13.35 7.24
C MET A 35 4.56 13.74 8.56
N MET A 36 3.72 12.86 9.15
CA MET A 36 3.04 13.11 10.42
C MET A 36 4.05 12.93 11.56
N GLN A 37 4.89 11.90 11.43
CA GLN A 37 6.02 11.55 12.27
C GLN A 37 6.99 12.73 12.28
N ARG A 38 7.20 13.30 11.08
CA ARG A 38 8.00 14.48 10.76
C ARG A 38 7.17 15.75 11.05
N GLY A 39 6.63 15.76 12.25
CA GLY A 39 5.75 16.77 12.79
C GLY A 39 5.64 16.52 14.30
N ASN A 40 5.16 15.33 14.66
CA ASN A 40 5.07 14.84 16.03
C ASN A 40 6.44 14.32 16.47
N PHE A 41 7.44 15.21 16.40
CA PHE A 41 8.85 14.99 16.68
C PHE A 41 9.57 16.32 16.49
N ARG A 42 9.33 16.93 15.32
CA ARG A 42 9.88 18.21 14.92
C ARG A 42 9.37 19.33 15.82
N ASN A 43 8.03 19.44 15.88
CA ASN A 43 7.33 20.45 16.66
C ASN A 43 7.62 20.24 18.15
N GLN A 44 7.54 18.96 18.56
CA GLN A 44 7.88 18.48 19.88
C GLN A 44 9.26 18.95 20.30
N ARG A 45 10.18 18.88 19.34
CA ARG A 45 11.61 19.15 19.45
C ARG A 45 12.26 18.00 20.24
N LYS A 46 11.90 16.78 19.83
CA LYS A 46 12.34 15.52 20.40
C LYS A 46 13.37 14.93 19.45
N ILE A 47 14.36 15.76 19.12
CA ILE A 47 15.40 15.48 18.15
C ILE A 47 16.46 14.55 18.78
N VAL A 48 16.09 13.26 18.93
CA VAL A 48 16.93 12.21 19.45
C VAL A 48 16.68 10.92 18.66
N LEU A 1 -16.04 -17.68 -16.28
CA LEU A 1 -14.94 -16.70 -16.28
C LEU A 1 -13.64 -17.34 -16.77
N GLU A 2 -12.68 -16.52 -17.20
CA GLU A 2 -11.37 -16.99 -17.65
C GLU A 2 -10.52 -17.34 -16.43
N GLU A 3 -10.73 -18.56 -15.89
CA GLU A 3 -10.06 -19.04 -14.69
C GLU A 3 -8.59 -19.44 -14.82
N MET A 4 -8.05 -19.12 -15.97
CA MET A 4 -6.67 -19.27 -16.38
C MET A 4 -5.87 -18.14 -15.70
N MET A 5 -6.41 -16.93 -15.78
CA MET A 5 -5.89 -15.75 -15.13
C MET A 5 -5.99 -15.89 -13.61
N THR A 6 -7.01 -16.61 -13.13
CA THR A 6 -7.19 -16.88 -11.70
C THR A 6 -6.18 -17.92 -11.22
N ALA A 7 -5.97 -18.97 -12.02
CA ALA A 7 -4.99 -20.01 -11.73
C ALA A 7 -3.61 -19.39 -11.63
N CYS A 8 -3.18 -18.73 -12.71
CA CYS A 8 -1.93 -17.98 -12.77
C CYS A 8 -2.23 -16.57 -12.25
N GLN A 9 -2.68 -16.50 -10.99
CA GLN A 9 -3.14 -15.28 -10.33
C GLN A 9 -2.18 -14.10 -10.49
N GLY A 10 -0.87 -14.36 -10.42
CA GLY A 10 0.18 -13.38 -10.61
C GLY A 10 0.02 -12.49 -11.84
N VAL A 11 -0.61 -12.99 -12.92
CA VAL A 11 -0.80 -12.24 -14.15
C VAL A 11 -1.77 -11.07 -13.95
N GLY A 12 -2.80 -11.28 -13.12
CA GLY A 12 -3.82 -10.29 -12.83
C GLY A 12 -5.18 -10.93 -12.56
N GLY A 13 -5.21 -11.99 -11.74
CA GLY A 13 -6.45 -12.65 -11.32
C GLY A 13 -7.25 -11.77 -10.37
N PRO A 14 -8.46 -12.19 -9.96
CA PRO A 14 -9.35 -11.43 -9.09
C PRO A 14 -8.68 -11.04 -7.78
N GLY A 15 -8.27 -12.07 -7.05
CA GLY A 15 -7.53 -11.92 -5.80
C GLY A 15 -6.32 -11.01 -5.99
N HIS A 16 -5.50 -11.25 -7.03
CA HIS A 16 -4.35 -10.41 -7.36
C HIS A 16 -4.78 -9.29 -8.32
N LYS A 17 -5.67 -8.48 -7.78
CA LYS A 17 -6.24 -7.24 -8.30
C LYS A 17 -6.57 -6.47 -7.03
N ALA A 18 -7.30 -7.15 -6.14
CA ALA A 18 -7.63 -6.70 -4.79
C ALA A 18 -6.32 -6.60 -4.01
N ARG A 19 -5.37 -7.54 -4.24
CA ARG A 19 -4.10 -7.53 -3.54
C ARG A 19 -3.21 -6.42 -4.08
N VAL A 20 -3.23 -6.22 -5.41
CA VAL A 20 -2.46 -5.20 -6.08
C VAL A 20 -2.92 -3.83 -5.60
N LEU A 21 -4.24 -3.65 -5.49
CA LEU A 21 -4.80 -2.43 -4.94
C LEU A 21 -4.32 -2.26 -3.52
N ALA A 22 -4.53 -3.26 -2.65
CA ALA A 22 -4.10 -3.22 -1.26
C ALA A 22 -2.63 -2.82 -1.11
N GLU A 23 -1.77 -3.31 -2.01
CA GLU A 23 -0.34 -2.98 -2.04
C GLU A 23 -0.16 -1.50 -2.33
N ALA A 24 -0.90 -1.00 -3.32
CA ALA A 24 -0.84 0.39 -3.73
C ALA A 24 -1.45 1.30 -2.68
N MET A 25 -2.47 0.84 -1.95
CA MET A 25 -3.10 1.53 -0.86
C MET A 25 -2.29 1.42 0.43
N SER A 26 -1.09 0.83 0.34
CA SER A 26 -0.13 0.76 1.42
C SER A 26 1.02 1.70 1.03
N GLN A 27 1.34 1.76 -0.27
CA GLN A 27 2.46 2.49 -0.85
C GLN A 27 2.13 3.98 -1.05
N VAL A 28 0.95 4.28 -1.60
CA VAL A 28 0.50 5.64 -1.87
C VAL A 28 0.32 6.33 -0.52
N THR A 29 -0.39 5.62 0.35
CA THR A 29 -0.66 5.91 1.72
C THR A 29 0.63 6.09 2.53
N ASN A 30 1.69 5.35 2.18
CA ASN A 30 3.00 5.53 2.81
C ASN A 30 3.62 6.84 2.36
N SER A 31 3.51 7.17 1.07
CA SER A 31 4.02 8.42 0.53
C SER A 31 3.33 9.59 1.23
N ALA A 32 2.04 9.45 1.52
CA ALA A 32 1.30 10.45 2.30
C ALA A 32 1.71 10.40 3.77
N THR A 33 2.17 9.24 4.28
CA THR A 33 2.70 9.15 5.63
C THR A 33 4.00 9.93 5.71
N ILE A 34 4.76 10.00 4.60
CA ILE A 34 5.95 10.82 4.57
C ILE A 34 5.53 12.29 4.70
N MET A 35 4.33 12.68 4.24
CA MET A 35 3.78 14.02 4.38
C MET A 35 3.33 14.27 5.81
N MET A 36 2.65 13.31 6.45
CA MET A 36 2.17 13.47 7.82
C MET A 36 3.37 13.58 8.76
N GLN A 37 4.41 12.80 8.46
CA GLN A 37 5.70 12.78 9.11
C GLN A 37 6.36 14.15 8.93
N ARG A 38 6.23 14.74 7.73
CA ARG A 38 6.67 16.08 7.38
C ARG A 38 5.67 17.07 7.97
N GLY A 39 5.75 17.20 9.29
CA GLY A 39 4.86 17.97 10.14
C GLY A 39 4.92 17.42 11.56
N ASN A 40 4.85 16.09 11.69
CA ASN A 40 5.00 15.37 12.95
C ASN A 40 6.24 15.84 13.69
N PHE A 41 7.42 15.80 13.04
CA PHE A 41 8.61 16.35 13.67
C PHE A 41 8.56 17.87 13.72
N ARG A 42 8.46 18.34 14.95
CA ARG A 42 8.29 19.71 15.35
C ARG A 42 8.87 19.83 16.76
N ASN A 43 8.26 19.09 17.70
CA ASN A 43 8.63 18.96 19.09
C ASN A 43 9.12 17.55 19.41
N GLN A 44 8.95 16.59 18.48
CA GLN A 44 9.25 15.19 18.64
C GLN A 44 10.66 14.89 19.15
N ARG A 45 10.78 13.68 19.70
CA ARG A 45 11.97 13.18 20.36
C ARG A 45 12.44 14.20 21.39
N LYS A 46 11.61 14.38 22.42
CA LYS A 46 11.80 15.33 23.51
C LYS A 46 12.57 14.63 24.63
N ILE A 47 13.69 14.02 24.23
CA ILE A 47 14.60 13.22 25.03
C ILE A 47 13.87 11.93 25.42
N VAL A 48 13.66 11.06 24.43
CA VAL A 48 13.05 9.75 24.59
C VAL A 48 13.53 8.86 23.43
N LEU A 1 -14.83 -16.15 -6.96
CA LEU A 1 -13.52 -16.29 -6.29
C LEU A 1 -13.30 -15.15 -5.28
N GLU A 2 -12.31 -15.33 -4.41
CA GLU A 2 -11.91 -14.35 -3.41
C GLU A 2 -11.51 -13.03 -4.07
N GLU A 3 -11.68 -11.94 -3.31
CA GLU A 3 -11.48 -10.57 -3.77
C GLU A 3 -10.04 -10.09 -4.02
N MET A 4 -9.15 -11.07 -4.00
CA MET A 4 -7.75 -10.99 -4.29
C MET A 4 -7.54 -11.26 -5.76
N MET A 5 -8.03 -12.41 -6.21
CA MET A 5 -8.07 -12.88 -7.57
C MET A 5 -8.87 -11.92 -8.45
N THR A 6 -9.91 -11.33 -7.88
CA THR A 6 -10.75 -10.33 -8.54
C THR A 6 -9.93 -9.07 -8.82
N ALA A 7 -9.08 -8.69 -7.87
CA ALA A 7 -8.19 -7.55 -8.03
C ALA A 7 -7.14 -7.85 -9.11
N CYS A 8 -6.34 -8.89 -8.88
CA CYS A 8 -5.33 -9.34 -9.82
C CYS A 8 -5.89 -10.33 -10.83
N GLN A 9 -6.97 -9.92 -11.51
CA GLN A 9 -7.61 -10.64 -12.59
C GLN A 9 -6.73 -10.57 -13.84
N GLY A 10 -7.09 -11.34 -14.87
CA GLY A 10 -6.29 -11.45 -16.06
C GLY A 10 -6.47 -10.21 -16.92
N VAL A 11 -7.44 -10.31 -17.84
CA VAL A 11 -7.79 -9.35 -18.88
C VAL A 11 -6.53 -8.69 -19.44
N GLY A 12 -5.55 -9.56 -19.64
CA GLY A 12 -4.19 -9.25 -20.06
C GLY A 12 -3.22 -10.23 -19.41
N GLY A 13 -3.23 -10.30 -18.07
CA GLY A 13 -2.43 -11.27 -17.32
C GLY A 13 -2.57 -11.05 -15.81
N PRO A 14 -2.75 -12.12 -15.02
CA PRO A 14 -3.01 -12.05 -13.59
C PRO A 14 -1.74 -11.82 -12.78
N GLY A 15 -0.78 -12.71 -13.01
CA GLY A 15 0.50 -12.80 -12.31
C GLY A 15 1.20 -11.46 -12.21
N HIS A 16 1.28 -10.71 -13.32
CA HIS A 16 1.88 -9.38 -13.29
C HIS A 16 0.97 -8.36 -12.67
N LYS A 17 -0.35 -8.51 -12.76
CA LYS A 17 -1.24 -7.58 -12.10
C LYS A 17 -1.09 -7.73 -10.58
N ALA A 18 -0.71 -8.92 -10.12
CA ALA A 18 -0.41 -9.16 -8.72
C ALA A 18 0.90 -8.46 -8.37
N ARG A 19 1.89 -8.49 -9.27
CA ARG A 19 3.16 -7.82 -9.02
C ARG A 19 3.01 -6.30 -9.03
N VAL A 20 2.22 -5.80 -9.99
CA VAL A 20 2.02 -4.37 -10.23
C VAL A 20 1.17 -3.79 -9.10
N LEU A 21 0.19 -4.56 -8.63
CA LEU A 21 -0.61 -4.17 -7.48
C LEU A 21 0.29 -4.14 -6.26
N ALA A 22 1.02 -5.22 -5.97
CA ALA A 22 1.93 -5.30 -4.84
C ALA A 22 2.89 -4.10 -4.77
N GLU A 23 3.37 -3.64 -5.93
CA GLU A 23 4.21 -2.47 -6.05
C GLU A 23 3.45 -1.23 -5.58
N ALA A 24 2.23 -1.07 -6.10
CA ALA A 24 1.42 0.09 -5.80
C ALA A 24 0.98 0.09 -4.34
N MET A 25 0.70 -1.07 -3.77
CA MET A 25 0.32 -1.24 -2.39
C MET A 25 1.54 -1.21 -1.45
N SER A 26 2.74 -1.02 -2.00
CA SER A 26 3.96 -0.84 -1.24
C SER A 26 4.52 0.57 -1.52
N GLN A 27 3.92 1.31 -2.48
CA GLN A 27 4.23 2.69 -2.81
C GLN A 27 3.22 3.68 -2.21
N VAL A 28 1.92 3.40 -2.38
CA VAL A 28 0.81 4.26 -1.98
C VAL A 28 0.79 4.29 -0.46
N THR A 29 0.79 3.09 0.11
CA THR A 29 0.88 2.78 1.50
C THR A 29 2.12 3.38 2.14
N ASN A 30 3.22 3.55 1.38
CA ASN A 30 4.43 4.22 1.85
C ASN A 30 4.23 5.72 1.90
N SER A 31 3.59 6.27 0.86
CA SER A 31 3.23 7.68 0.80
C SER A 31 2.34 8.00 1.99
N ALA A 32 1.46 7.07 2.38
CA ALA A 32 0.64 7.22 3.57
C ALA A 32 1.41 6.88 4.85
N THR A 33 2.48 6.06 4.78
CA THR A 33 3.30 5.84 5.96
C THR A 33 3.99 7.14 6.30
N ILE A 34 4.31 7.95 5.29
CA ILE A 34 4.86 9.26 5.51
C ILE A 34 3.81 10.13 6.19
N MET A 35 2.53 10.03 5.83
CA MET A 35 1.50 10.86 6.46
C MET A 35 1.18 10.37 7.88
N MET A 36 1.31 9.06 8.16
CA MET A 36 1.11 8.51 9.48
C MET A 36 2.27 8.91 10.40
N GLN A 37 3.48 8.93 9.85
CA GLN A 37 4.73 9.37 10.43
C GLN A 37 4.66 10.86 10.73
N ARG A 38 4.06 11.65 9.81
CA ARG A 38 3.77 13.09 9.93
C ARG A 38 2.53 13.32 10.80
N GLY A 39 2.57 12.67 11.96
CA GLY A 39 1.57 12.69 13.01
C GLY A 39 2.16 11.95 14.21
N ASN A 40 2.53 10.68 14.00
CA ASN A 40 3.22 9.82 14.94
C ASN A 40 4.71 10.19 14.99
N PHE A 41 4.97 11.44 15.36
CA PHE A 41 6.29 12.05 15.51
C PHE A 41 6.08 13.46 16.05
N ARG A 42 5.23 14.21 15.34
CA ARG A 42 4.86 15.58 15.64
C ARG A 42 4.23 15.68 17.03
N ASN A 43 3.18 14.88 17.23
CA ASN A 43 2.44 14.82 18.48
C ASN A 43 3.33 14.28 19.59
N GLN A 44 4.02 13.19 19.28
CA GLN A 44 4.90 12.45 20.17
C GLN A 44 6.02 13.30 20.74
N ARG A 45 6.59 14.15 19.88
CA ARG A 45 7.76 14.99 20.09
C ARG A 45 8.99 14.08 19.97
N LYS A 46 9.03 13.28 18.90
CA LYS A 46 10.02 12.25 18.63
C LYS A 46 11.10 12.82 17.73
N ILE A 47 11.58 14.00 18.13
CA ILE A 47 12.69 14.72 17.50
C ILE A 47 13.90 13.82 17.30
N VAL A 48 14.14 12.90 18.26
CA VAL A 48 15.17 11.88 18.22
C VAL A 48 14.52 10.52 18.51
N LEU A 1 -6.39 -23.96 -25.11
CA LEU A 1 -6.51 -23.93 -23.63
C LEU A 1 -7.38 -22.76 -23.17
N GLU A 2 -7.87 -22.84 -21.92
CA GLU A 2 -8.69 -21.80 -21.31
C GLU A 2 -7.78 -20.65 -20.84
N GLU A 3 -7.18 -19.93 -21.79
CA GLU A 3 -6.20 -18.88 -21.53
C GLU A 3 -6.72 -17.56 -20.94
N MET A 4 -7.98 -17.61 -20.57
CA MET A 4 -8.77 -16.62 -19.88
C MET A 4 -8.45 -16.71 -18.40
N MET A 5 -8.33 -17.94 -17.89
CA MET A 5 -7.92 -18.25 -16.53
C MET A 5 -6.45 -17.88 -16.34
N THR A 6 -5.63 -18.10 -17.38
CA THR A 6 -4.22 -17.78 -17.41
C THR A 6 -4.02 -16.27 -17.40
N ALA A 7 -4.83 -15.55 -18.20
CA ALA A 7 -4.80 -14.11 -18.28
C ALA A 7 -5.25 -13.50 -16.94
N CYS A 8 -6.51 -13.77 -16.56
CA CYS A 8 -7.09 -13.32 -15.31
C CYS A 8 -6.82 -14.37 -14.22
N GLN A 9 -5.54 -14.59 -13.92
CA GLN A 9 -5.09 -15.45 -12.85
C GLN A 9 -5.14 -14.68 -11.53
N GLY A 10 -6.36 -14.27 -11.13
CA GLY A 10 -6.58 -13.42 -9.97
C GLY A 10 -5.84 -12.09 -10.13
N VAL A 11 -5.90 -11.49 -11.32
CA VAL A 11 -5.18 -10.27 -11.65
C VAL A 11 -5.89 -9.04 -11.07
N GLY A 12 -7.22 -9.07 -11.02
CA GLY A 12 -8.05 -8.01 -10.46
C GLY A 12 -9.38 -8.57 -9.98
N GLY A 13 -9.34 -9.74 -9.32
CA GLY A 13 -10.52 -10.37 -8.73
C GLY A 13 -10.86 -9.73 -7.38
N PRO A 14 -11.86 -10.28 -6.66
CA PRO A 14 -12.25 -9.81 -5.34
C PRO A 14 -11.07 -9.90 -4.36
N GLY A 15 -10.57 -11.12 -4.20
CA GLY A 15 -9.39 -11.45 -3.42
C GLY A 15 -8.21 -10.54 -3.75
N HIS A 16 -8.01 -10.19 -5.03
CA HIS A 16 -6.95 -9.29 -5.44
C HIS A 16 -7.27 -7.86 -5.11
N LYS A 17 -8.53 -7.43 -5.18
CA LYS A 17 -8.89 -6.08 -4.78
C LYS A 17 -8.58 -5.89 -3.30
N ALA A 18 -8.66 -6.97 -2.51
CA ALA A 18 -8.28 -6.96 -1.12
C ALA A 18 -6.75 -6.87 -1.02
N ARG A 19 -6.00 -7.58 -1.89
CA ARG A 19 -4.54 -7.53 -1.85
C ARG A 19 -4.03 -6.15 -2.27
N VAL A 20 -4.62 -5.59 -3.32
CA VAL A 20 -4.22 -4.36 -3.98
C VAL A 20 -4.49 -3.18 -3.04
N LEU A 21 -5.62 -3.25 -2.31
CA LEU A 21 -5.93 -2.26 -1.31
C LEU A 21 -4.92 -2.40 -0.18
N ALA A 22 -4.77 -3.59 0.40
CA ALA A 22 -3.83 -3.86 1.49
C ALA A 22 -2.42 -3.34 1.17
N GLU A 23 -1.98 -3.50 -0.08
CA GLU A 23 -0.69 -3.03 -0.56
C GLU A 23 -0.65 -1.50 -0.53
N ALA A 24 -1.73 -0.87 -0.99
CA ALA A 24 -1.83 0.57 -1.05
C ALA A 24 -1.93 1.16 0.36
N MET A 25 -2.62 0.48 1.27
CA MET A 25 -2.74 0.81 2.65
C MET A 25 -1.47 0.44 3.42
N SER A 26 -0.45 -0.07 2.73
CA SER A 26 0.87 -0.36 3.26
C SER A 26 1.85 0.69 2.70
N GLN A 27 1.51 1.29 1.55
CA GLN A 27 2.32 2.26 0.82
C GLN A 27 1.96 3.72 1.15
N VAL A 28 0.68 4.03 1.26
CA VAL A 28 0.16 5.38 1.49
C VAL A 28 0.48 5.77 2.92
N THR A 29 0.24 4.83 3.83
CA THR A 29 0.54 4.88 5.20
C THR A 29 2.05 5.07 5.41
N ASN A 30 2.87 4.47 4.53
CA ASN A 30 4.31 4.66 4.52
C ASN A 30 4.67 6.06 4.01
N SER A 31 3.97 6.51 2.96
CA SER A 31 4.18 7.84 2.39
C SER A 31 3.87 8.90 3.43
N ALA A 32 2.94 8.60 4.35
CA ALA A 32 2.59 9.44 5.49
C ALA A 32 3.56 9.22 6.66
N THR A 33 4.13 8.02 6.81
CA THR A 33 5.15 7.76 7.83
C THR A 33 6.37 8.62 7.52
N ILE A 34 6.63 8.83 6.23
CA ILE A 34 7.69 9.71 5.78
C ILE A 34 7.40 11.13 6.26
N MET A 35 6.13 11.55 6.32
CA MET A 35 5.74 12.89 6.76
C MET A 35 6.03 13.08 8.24
N MET A 36 5.72 12.06 9.05
CA MET A 36 5.97 12.05 10.48
C MET A 36 7.47 12.20 10.72
N GLN A 37 8.21 11.33 10.04
CA GLN A 37 9.66 11.24 9.95
C GLN A 37 10.29 12.49 9.33
N ARG A 38 9.58 13.20 8.46
CA ARG A 38 10.15 14.33 7.75
C ARG A 38 10.59 15.38 8.75
N GLY A 39 11.87 15.71 8.61
CA GLY A 39 12.60 16.61 9.49
C GLY A 39 13.41 15.84 10.55
N ASN A 40 12.92 14.68 11.04
CA ASN A 40 13.56 13.93 12.12
C ASN A 40 13.85 14.88 13.31
N PHE A 41 12.78 15.53 13.75
CA PHE A 41 12.76 16.56 14.79
C PHE A 41 11.34 16.59 15.33
N ARG A 42 10.39 16.72 14.39
CA ARG A 42 8.97 16.64 14.63
C ARG A 42 8.63 15.22 15.10
N ASN A 43 9.32 14.24 14.48
CA ASN A 43 9.25 12.83 14.78
C ASN A 43 9.76 12.58 16.19
N GLN A 44 10.97 13.09 16.45
CA GLN A 44 11.69 12.97 17.68
C GLN A 44 10.85 13.52 18.84
N ARG A 45 10.23 14.68 18.58
CA ARG A 45 9.34 15.43 19.44
C ARG A 45 10.15 16.26 20.42
N LYS A 46 10.52 17.48 19.99
CA LYS A 46 11.19 18.48 20.79
C LYS A 46 10.12 19.35 21.45
N ILE A 47 9.18 18.65 22.09
CA ILE A 47 7.99 19.17 22.74
C ILE A 47 7.08 19.81 21.70
N VAL A 48 6.35 18.95 20.96
CA VAL A 48 5.39 19.35 19.94
C VAL A 48 4.33 18.25 19.85
N LEU A 1 -10.52 -24.44 -27.45
CA LEU A 1 -11.53 -23.53 -26.85
C LEU A 1 -11.02 -22.09 -26.82
N GLU A 2 -11.94 -21.15 -26.52
CA GLU A 2 -11.64 -19.74 -26.39
C GLU A 2 -11.01 -19.51 -25.02
N GLU A 3 -9.73 -19.89 -24.87
CA GLU A 3 -8.98 -19.86 -23.61
C GLU A 3 -8.57 -18.49 -23.06
N MET A 4 -9.17 -17.47 -23.61
CA MET A 4 -9.08 -16.07 -23.21
C MET A 4 -9.72 -15.92 -21.83
N MET A 5 -10.88 -16.54 -21.65
CA MET A 5 -11.59 -16.61 -20.39
C MET A 5 -10.81 -17.41 -19.34
N THR A 6 -10.09 -18.44 -19.79
CA THR A 6 -9.31 -19.31 -18.94
C THR A 6 -8.07 -18.59 -18.43
N ALA A 7 -7.44 -17.80 -19.31
CA ALA A 7 -6.31 -16.95 -18.96
C ALA A 7 -6.76 -15.86 -18.00
N CYS A 8 -7.77 -15.09 -18.41
CA CYS A 8 -8.37 -14.02 -17.62
C CYS A 8 -9.44 -14.61 -16.70
N GLN A 9 -9.00 -15.52 -15.82
CA GLN A 9 -9.83 -16.19 -14.82
C GLN A 9 -9.48 -15.65 -13.44
N GLY A 10 -8.22 -15.83 -13.06
CA GLY A 10 -7.67 -15.30 -11.81
C GLY A 10 -7.57 -13.79 -11.90
N VAL A 11 -6.80 -13.30 -12.89
CA VAL A 11 -6.54 -11.90 -13.20
C VAL A 11 -6.22 -11.12 -11.93
N GLY A 12 -5.36 -11.77 -11.13
CA GLY A 12 -4.97 -11.32 -9.82
C GLY A 12 -6.07 -11.75 -8.86
N GLY A 13 -5.91 -12.94 -8.26
CA GLY A 13 -6.89 -13.51 -7.35
C GLY A 13 -7.09 -12.64 -6.10
N PRO A 14 -8.20 -12.81 -5.38
CA PRO A 14 -8.58 -12.02 -4.21
C PRO A 14 -7.55 -12.09 -3.12
N GLY A 15 -7.20 -13.31 -2.74
CA GLY A 15 -6.19 -13.65 -1.73
C GLY A 15 -4.89 -12.87 -1.92
N HIS A 16 -4.41 -12.77 -3.18
CA HIS A 16 -3.23 -11.97 -3.48
C HIS A 16 -3.57 -10.50 -3.59
N LYS A 17 -4.77 -10.14 -4.05
CA LYS A 17 -5.19 -8.76 -4.06
C LYS A 17 -5.24 -8.20 -2.63
N ALA A 18 -5.45 -9.07 -1.65
CA ALA A 18 -5.39 -8.70 -0.24
C ALA A 18 -3.93 -8.47 0.14
N ARG A 19 -3.00 -9.31 -0.36
CA ARG A 19 -1.58 -9.14 -0.04
C ARG A 19 -1.02 -7.87 -0.68
N VAL A 20 -1.37 -7.66 -1.95
CA VAL A 20 -0.90 -6.60 -2.81
C VAL A 20 -1.43 -5.26 -2.31
N LEU A 21 -2.69 -5.26 -1.84
CA LEU A 21 -3.27 -4.09 -1.23
C LEU A 21 -2.54 -3.82 0.07
N ALA A 22 -2.39 -4.82 0.95
CA ALA A 22 -1.72 -4.65 2.23
C ALA A 22 -0.32 -4.03 2.05
N GLU A 23 0.40 -4.44 1.00
CA GLU A 23 1.71 -3.91 0.66
C GLU A 23 1.61 -2.43 0.33
N ALA A 24 0.66 -2.09 -0.53
CA ALA A 24 0.46 -0.74 -1.02
C ALA A 24 -0.07 0.16 0.06
N MET A 25 -0.95 -0.35 0.93
CA MET A 25 -1.54 0.40 2.01
C MET A 25 -0.38 0.81 2.90
N SER A 26 0.40 -0.18 3.36
CA SER A 26 1.59 0.07 4.15
C SER A 26 2.48 1.15 3.54
N GLN A 27 2.66 1.13 2.22
CA GLN A 27 3.53 2.05 1.50
C GLN A 27 2.94 3.46 1.46
N VAL A 28 1.64 3.56 1.16
CA VAL A 28 0.93 4.82 0.97
C VAL A 28 0.86 5.53 2.32
N THR A 29 0.46 4.77 3.34
CA THR A 29 0.39 5.11 4.72
C THR A 29 1.76 5.54 5.24
N ASN A 30 2.86 4.93 4.77
CA ASN A 30 4.22 5.33 5.12
C ASN A 30 4.55 6.69 4.48
N SER A 31 4.19 6.83 3.20
CA SER A 31 4.40 8.05 2.43
C SER A 31 3.65 9.20 3.10
N ALA A 32 2.55 8.90 3.79
CA ALA A 32 1.78 9.87 4.57
C ALA A 32 2.35 10.00 5.99
N THR A 33 2.99 8.96 6.53
CA THR A 33 3.66 9.04 7.83
C THR A 33 4.81 10.02 7.69
N ILE A 34 5.44 10.08 6.51
CA ILE A 34 6.46 11.05 6.22
C ILE A 34 5.85 12.43 6.41
N MET A 35 4.61 12.63 5.94
CA MET A 35 3.97 13.93 5.96
C MET A 35 3.75 14.38 7.40
N MET A 36 3.33 13.43 8.26
CA MET A 36 3.08 13.70 9.66
C MET A 36 4.40 14.03 10.36
N GLN A 37 5.45 13.29 10.00
CA GLN A 37 6.80 13.36 10.49
C GLN A 37 7.50 14.65 10.04
N ARG A 38 7.15 15.17 8.86
CA ARG A 38 7.70 16.39 8.25
C ARG A 38 7.09 17.65 8.88
N GLY A 39 7.06 17.63 10.20
CA GLY A 39 6.46 18.61 11.09
C GLY A 39 6.60 18.06 12.52
N ASN A 40 6.04 16.87 12.76
CA ASN A 40 6.16 16.16 14.04
C ASN A 40 7.54 15.49 14.10
N PHE A 41 8.56 16.34 14.25
CA PHE A 41 9.97 16.01 14.35
C PHE A 41 10.70 17.31 14.69
N ARG A 42 10.47 18.31 13.84
CA ARG A 42 10.96 19.67 14.00
C ARG A 42 10.32 20.28 15.25
N ASN A 43 9.01 20.08 15.37
CA ASN A 43 8.20 20.52 16.49
C ASN A 43 8.59 19.77 17.76
N GLN A 44 8.82 18.46 17.61
CA GLN A 44 9.09 17.53 18.68
C GLN A 44 10.36 17.87 19.47
N ARG A 45 10.54 17.12 20.56
CA ARG A 45 11.66 17.24 21.48
C ARG A 45 11.69 18.65 22.08
N LYS A 46 10.72 18.93 22.95
CA LYS A 46 10.53 20.18 23.67
C LYS A 46 11.33 20.10 24.97
N ILE A 47 12.60 19.78 24.80
CA ILE A 47 13.60 19.53 25.83
C ILE A 47 13.29 18.19 26.49
N VAL A 48 13.31 17.13 25.66
CA VAL A 48 13.10 15.74 26.05
C VAL A 48 13.59 14.87 24.89
N LEU A 1 -0.75 -22.82 -9.73
CA LEU A 1 0.11 -21.65 -9.92
C LEU A 1 -0.32 -20.51 -8.98
N GLU A 2 0.61 -19.59 -8.68
CA GLU A 2 0.34 -18.41 -7.89
C GLU A 2 -0.55 -17.45 -8.68
N GLU A 3 -1.85 -17.45 -8.37
CA GLU A 3 -2.85 -16.63 -8.98
C GLU A 3 -2.55 -15.15 -8.97
N MET A 4 -3.32 -14.58 -9.89
CA MET A 4 -3.38 -13.21 -10.36
C MET A 4 -4.35 -13.16 -11.54
N MET A 5 -4.29 -14.19 -12.39
CA MET A 5 -5.19 -14.39 -13.51
C MET A 5 -6.62 -14.57 -13.01
N THR A 6 -6.77 -15.24 -11.86
CA THR A 6 -8.06 -15.43 -11.20
C THR A 6 -8.56 -14.11 -10.60
N ALA A 7 -7.64 -13.32 -10.04
CA ALA A 7 -7.93 -11.99 -9.52
C ALA A 7 -8.42 -11.08 -10.66
N CYS A 8 -7.78 -11.21 -11.83
CA CYS A 8 -8.15 -10.52 -13.06
C CYS A 8 -9.30 -11.27 -13.72
N GLN A 9 -10.40 -11.43 -12.97
CA GLN A 9 -11.56 -12.22 -13.37
C GLN A 9 -12.24 -11.63 -14.60
N GLY A 10 -12.47 -10.33 -14.59
CA GLY A 10 -13.00 -9.56 -15.71
C GLY A 10 -11.86 -8.77 -16.34
N VAL A 11 -10.77 -9.48 -16.65
CA VAL A 11 -9.51 -8.99 -17.16
C VAL A 11 -9.05 -7.75 -16.39
N GLY A 12 -9.22 -7.89 -15.07
CA GLY A 12 -8.99 -6.87 -14.06
C GLY A 12 -10.22 -6.74 -13.17
N GLY A 13 -10.72 -7.88 -12.68
CA GLY A 13 -11.92 -7.97 -11.84
C GLY A 13 -11.71 -7.37 -10.45
N PRO A 14 -12.73 -7.47 -9.57
CA PRO A 14 -12.71 -6.93 -8.21
C PRO A 14 -11.49 -7.38 -7.42
N GLY A 15 -11.25 -8.69 -7.48
CA GLY A 15 -10.07 -9.34 -6.89
C GLY A 15 -8.78 -8.59 -7.23
N HIS A 16 -8.59 -8.21 -8.49
CA HIS A 16 -7.41 -7.46 -8.92
C HIS A 16 -7.55 -5.97 -8.60
N LYS A 17 -8.77 -5.42 -8.58
CA LYS A 17 -9.01 -4.04 -8.16
C LYS A 17 -8.59 -3.89 -6.70
N ALA A 18 -8.78 -4.95 -5.91
CA ALA A 18 -8.35 -5.04 -4.53
C ALA A 18 -6.84 -5.23 -4.44
N ARG A 19 -6.23 -5.98 -5.38
CA ARG A 19 -4.78 -6.19 -5.39
C ARG A 19 -4.05 -4.90 -5.77
N VAL A 20 -4.63 -4.13 -6.71
CA VAL A 20 -4.11 -2.85 -7.18
C VAL A 20 -4.22 -1.83 -6.05
N LEU A 21 -5.36 -1.82 -5.36
CA LEU A 21 -5.54 -0.96 -4.20
C LEU A 21 -4.49 -1.31 -3.16
N ALA A 22 -4.39 -2.58 -2.76
CA ALA A 22 -3.42 -3.05 -1.77
C ALA A 22 -2.00 -2.60 -2.10
N GLU A 23 -1.63 -2.59 -3.39
CA GLU A 23 -0.34 -2.12 -3.87
C GLU A 23 -0.19 -0.62 -3.56
N ALA A 24 -1.22 0.14 -3.88
CA ALA A 24 -1.24 1.58 -3.68
C ALA A 24 -1.28 1.93 -2.20
N MET A 25 -1.98 1.13 -1.39
CA MET A 25 -2.05 1.27 0.05
C MET A 25 -0.80 0.72 0.73
N SER A 26 0.18 0.28 -0.07
CA SER A 26 1.49 -0.13 0.40
C SER A 26 2.46 1.01 0.05
N GLN A 27 2.27 1.61 -1.13
CA GLN A 27 3.11 2.64 -1.73
C GLN A 27 2.86 4.02 -1.13
N VAL A 28 1.59 4.41 -1.01
CA VAL A 28 1.17 5.73 -0.55
C VAL A 28 1.58 5.84 0.92
N THR A 29 1.21 4.80 1.66
CA THR A 29 1.50 4.53 3.02
C THR A 29 3.01 4.54 3.28
N ASN A 30 3.82 4.05 2.33
CA ASN A 30 5.28 4.10 2.42
C ASN A 30 5.75 5.54 2.26
N SER A 31 5.20 6.24 1.26
CA SER A 31 5.52 7.63 0.99
C SER A 31 5.20 8.48 2.22
N ALA A 32 4.18 8.10 2.98
CA ALA A 32 3.83 8.74 4.25
C ALA A 32 4.71 8.22 5.40
N THR A 33 5.23 6.99 5.31
CA THR A 33 6.17 6.48 6.30
C THR A 33 7.47 7.28 6.18
N ILE A 34 7.81 7.74 4.97
CA ILE A 34 8.96 8.60 4.79
C ILE A 34 8.72 9.90 5.57
N MET A 35 7.46 10.36 5.68
CA MET A 35 7.09 11.55 6.45
C MET A 35 7.20 11.28 7.94
N MET A 36 6.66 10.14 8.42
CA MET A 36 6.65 9.80 9.83
C MET A 36 8.08 9.61 10.33
N GLN A 37 8.93 9.09 9.45
CA GLN A 37 10.35 8.88 9.60
C GLN A 37 11.08 10.23 9.58
N ARG A 38 10.65 11.14 8.69
CA ARG A 38 11.16 12.50 8.60
C ARG A 38 10.95 13.20 9.95
N GLY A 39 12.07 13.49 10.61
CA GLY A 39 12.08 14.05 11.96
C GLY A 39 11.94 12.99 13.05
N ASN A 40 11.29 11.85 12.77
CA ASN A 40 11.10 10.73 13.69
C ASN A 40 10.17 11.02 14.88
N PHE A 41 9.86 12.30 15.15
CA PHE A 41 9.07 12.75 16.27
C PHE A 41 8.20 13.94 15.84
N ARG A 42 8.81 14.87 15.08
CA ARG A 42 8.21 16.09 14.55
C ARG A 42 6.91 15.81 13.82
N ASN A 43 7.03 15.06 12.73
CA ASN A 43 5.93 14.77 11.82
C ASN A 43 4.89 13.88 12.51
N GLN A 44 5.37 12.94 13.31
CA GLN A 44 4.58 12.07 14.14
C GLN A 44 3.68 12.86 15.10
N ARG A 45 4.23 13.97 15.61
CA ARG A 45 3.66 14.85 16.62
C ARG A 45 3.65 14.10 17.96
N LYS A 46 4.81 13.57 18.34
CA LYS A 46 5.05 12.80 19.52
C LYS A 46 5.80 13.73 20.46
N ILE A 47 6.90 13.18 20.93
CA ILE A 47 7.95 13.72 21.78
C ILE A 47 9.22 12.93 21.51
N VAL A 48 10.38 13.51 21.82
CA VAL A 48 11.67 12.85 21.67
C VAL A 48 11.81 11.67 22.64
N LEU A 1 -2.35 -24.83 -18.23
CA LEU A 1 -3.70 -25.17 -17.77
C LEU A 1 -4.75 -24.81 -18.82
N GLU A 2 -6.02 -25.12 -18.51
CA GLU A 2 -7.18 -24.84 -19.34
C GLU A 2 -7.42 -23.33 -19.50
N GLU A 3 -8.52 -23.02 -20.19
CA GLU A 3 -9.05 -21.73 -20.48
C GLU A 3 -9.27 -20.84 -19.27
N MET A 4 -9.81 -19.68 -19.64
CA MET A 4 -10.10 -18.50 -18.89
C MET A 4 -8.84 -17.74 -18.46
N MET A 5 -7.67 -18.40 -18.52
CA MET A 5 -6.38 -17.79 -18.26
C MET A 5 -6.04 -16.78 -19.38
N THR A 6 -6.53 -17.06 -20.60
CA THR A 6 -6.35 -16.23 -21.77
C THR A 6 -7.04 -14.88 -21.57
N ALA A 7 -8.22 -14.92 -20.93
CA ALA A 7 -8.97 -13.74 -20.56
C ALA A 7 -8.31 -13.05 -19.36
N CYS A 8 -8.11 -13.82 -18.28
CA CYS A 8 -7.51 -13.36 -17.04
C CYS A 8 -5.98 -13.44 -17.15
N GLN A 9 -5.44 -12.72 -18.14
CA GLN A 9 -4.03 -12.73 -18.48
C GLN A 9 -3.27 -11.78 -17.56
N GLY A 10 -3.12 -12.19 -16.29
CA GLY A 10 -2.52 -11.38 -15.25
C GLY A 10 -3.39 -10.15 -14.97
N VAL A 11 -4.71 -10.34 -14.90
CA VAL A 11 -5.67 -9.28 -14.68
C VAL A 11 -5.65 -8.78 -13.23
N GLY A 12 -5.40 -9.71 -12.29
CA GLY A 12 -5.44 -9.43 -10.86
C GLY A 12 -6.88 -9.56 -10.40
N GLY A 13 -7.27 -10.75 -9.95
CA GLY A 13 -8.60 -11.03 -9.44
C GLY A 13 -8.93 -10.18 -8.20
N PRO A 14 -10.21 -10.08 -7.82
CA PRO A 14 -10.70 -9.24 -6.74
C PRO A 14 -9.99 -9.53 -5.42
N GLY A 15 -9.96 -10.81 -5.07
CA GLY A 15 -9.28 -11.34 -3.89
C GLY A 15 -7.86 -10.81 -3.72
N HIS A 16 -7.10 -10.67 -4.82
CA HIS A 16 -5.76 -10.08 -4.78
C HIS A 16 -5.83 -8.57 -4.90
N LYS A 17 -6.79 -8.02 -5.64
CA LYS A 17 -6.97 -6.58 -5.71
C LYS A 17 -7.25 -6.02 -4.31
N ALA A 18 -7.84 -6.85 -3.43
CA ALA A 18 -8.07 -6.54 -2.04
C ALA A 18 -6.72 -6.54 -1.30
N ARG A 19 -5.86 -7.54 -1.57
CA ARG A 19 -4.57 -7.63 -0.91
C ARG A 19 -3.62 -6.50 -1.36
N VAL A 20 -3.66 -6.20 -2.65
CA VAL A 20 -2.79 -5.24 -3.32
C VAL A 20 -3.19 -3.83 -2.89
N LEU A 21 -4.50 -3.59 -2.74
CA LEU A 21 -5.00 -2.34 -2.22
C LEU A 21 -4.47 -2.24 -0.80
N ALA A 22 -4.80 -3.21 0.08
CA ALA A 22 -4.43 -3.20 1.49
C ALA A 22 -2.95 -2.84 1.69
N GLU A 23 -2.09 -3.40 0.84
CA GLU A 23 -0.67 -3.13 0.84
C GLU A 23 -0.39 -1.67 0.54
N ALA A 24 -1.08 -1.15 -0.47
CA ALA A 24 -0.87 0.19 -0.95
C ALA A 24 -1.47 1.23 -0.02
N MET A 25 -2.64 0.98 0.57
CA MET A 25 -3.27 1.99 1.39
C MET A 25 -2.50 2.13 2.68
N SER A 26 -1.99 1.01 3.22
CA SER A 26 -1.13 1.04 4.39
C SER A 26 0.17 1.79 4.07
N GLN A 27 0.65 1.72 2.82
CA GLN A 27 1.89 2.37 2.38
C GLN A 27 1.69 3.87 2.10
N VAL A 28 0.56 4.24 1.48
CA VAL A 28 0.24 5.59 1.06
C VAL A 28 -0.01 6.42 2.31
N THR A 29 -0.84 5.88 3.21
CA THR A 29 -1.11 6.48 4.51
C THR A 29 0.17 6.58 5.34
N ASN A 30 1.05 5.58 5.22
CA ASN A 30 2.36 5.61 5.86
C ASN A 30 3.20 6.74 5.29
N SER A 31 3.12 6.94 3.96
CA SER A 31 3.86 7.99 3.28
C SER A 31 3.40 9.35 3.82
N ALA A 32 2.12 9.47 4.16
CA ALA A 32 1.57 10.66 4.79
C ALA A 32 1.87 10.71 6.29
N THR A 33 2.04 9.55 6.94
CA THR A 33 2.46 9.50 8.33
C THR A 33 3.87 10.04 8.43
N ILE A 34 4.69 9.81 7.40
CA ILE A 34 6.02 10.39 7.36
C ILE A 34 5.86 11.91 7.36
N MET A 35 4.87 12.45 6.66
CA MET A 35 4.67 13.90 6.58
C MET A 35 4.32 14.45 7.96
N MET A 36 3.43 13.75 8.67
CA MET A 36 2.97 14.17 9.99
C MET A 36 4.12 14.10 11.00
N GLN A 37 4.97 13.10 10.82
CA GLN A 37 6.17 12.81 11.59
C GLN A 37 7.28 13.82 11.28
N ARG A 38 7.36 14.33 10.03
CA ARG A 38 8.28 15.38 9.57
C ARG A 38 7.76 16.77 9.94
N GLY A 39 7.28 16.85 11.17
CA GLY A 39 6.65 17.98 11.83
C GLY A 39 6.57 17.65 13.31
N ASN A 40 5.96 16.50 13.63
CA ASN A 40 5.88 15.95 14.98
C ASN A 40 7.22 15.28 15.31
N PHE A 41 8.26 16.12 15.35
CA PHE A 41 9.66 15.82 15.53
C PHE A 41 10.37 17.15 15.72
N ARG A 42 10.20 18.01 14.72
CA ARG A 42 10.68 19.39 14.71
C ARG A 42 10.11 20.16 15.89
N ASN A 43 8.82 19.96 16.13
CA ASN A 43 8.08 20.53 17.24
C ASN A 43 8.63 19.97 18.56
N GLN A 44 8.69 18.64 18.62
CA GLN A 44 9.09 17.86 19.77
C GLN A 44 10.47 18.22 20.28
N ARG A 45 11.37 18.38 19.32
CA ARG A 45 12.78 18.61 19.47
C ARG A 45 13.40 17.42 20.20
N LYS A 46 13.15 16.23 19.65
CA LYS A 46 13.51 14.95 20.19
C LYS A 46 14.40 14.29 19.14
N ILE A 47 14.00 13.07 18.84
CA ILE A 47 14.52 12.16 17.84
C ILE A 47 13.37 11.65 16.95
N VAL A 48 13.71 10.94 15.88
CA VAL A 48 12.76 10.33 14.96
C VAL A 48 13.44 9.15 14.26
N LEU A 1 -11.83 -18.22 -27.58
CA LEU A 1 -12.00 -18.21 -26.11
C LEU A 1 -11.04 -17.21 -25.46
N GLU A 2 -11.33 -16.81 -24.21
CA GLU A 2 -10.52 -15.91 -23.43
C GLU A 2 -9.30 -16.65 -22.87
N GLU A 3 -8.38 -17.04 -23.75
CA GLU A 3 -7.21 -17.86 -23.41
C GLU A 3 -6.08 -17.18 -22.63
N MET A 4 -6.38 -15.97 -22.20
CA MET A 4 -5.59 -15.12 -21.34
C MET A 4 -5.80 -15.57 -19.90
N MET A 5 -7.06 -15.91 -19.58
CA MET A 5 -7.47 -16.47 -18.31
C MET A 5 -6.87 -17.87 -18.15
N THR A 6 -6.84 -18.62 -19.26
CA THR A 6 -6.29 -19.97 -19.30
C THR A 6 -4.76 -19.93 -19.15
N ALA A 7 -4.12 -18.94 -19.79
CA ALA A 7 -2.69 -18.73 -19.67
C ALA A 7 -2.33 -18.36 -18.23
N CYS A 8 -2.86 -17.22 -17.76
CA CYS A 8 -2.67 -16.73 -16.40
C CYS A 8 -3.79 -17.27 -15.51
N GLN A 9 -3.83 -18.61 -15.38
CA GLN A 9 -4.81 -19.32 -14.58
C GLN A 9 -4.33 -19.36 -13.12
N GLY A 10 -4.24 -18.18 -12.52
CA GLY A 10 -3.75 -17.96 -11.17
C GLY A 10 -3.24 -16.53 -11.03
N VAL A 11 -4.10 -15.56 -11.40
CA VAL A 11 -3.76 -14.15 -11.38
C VAL A 11 -3.71 -13.59 -9.95
N GLY A 12 -4.59 -14.09 -9.08
CA GLY A 12 -4.68 -13.66 -7.70
C GLY A 12 -6.05 -13.99 -7.11
N GLY A 13 -7.12 -13.63 -7.82
CA GLY A 13 -8.48 -13.81 -7.35
C GLY A 13 -8.85 -12.72 -6.33
N PRO A 14 -10.00 -12.87 -5.66
CA PRO A 14 -10.53 -11.90 -4.69
C PRO A 14 -9.55 -11.65 -3.55
N GLY A 15 -9.11 -12.77 -2.99
CA GLY A 15 -8.19 -12.80 -1.88
C GLY A 15 -6.94 -11.99 -2.18
N HIS A 16 -6.22 -12.32 -3.26
CA HIS A 16 -5.06 -11.54 -3.70
C HIS A 16 -5.51 -10.50 -4.74
N LYS A 17 -6.25 -9.56 -4.17
CA LYS A 17 -6.81 -8.32 -4.71
C LYS A 17 -7.07 -7.48 -3.47
N ALA A 18 -7.75 -8.11 -2.50
CA ALA A 18 -7.99 -7.58 -1.17
C ALA A 18 -6.65 -7.48 -0.45
N ARG A 19 -5.74 -8.44 -0.67
CA ARG A 19 -4.41 -8.42 -0.06
C ARG A 19 -3.56 -7.30 -0.68
N VAL A 20 -3.64 -7.20 -2.00
CA VAL A 20 -2.93 -6.21 -2.79
C VAL A 20 -3.38 -4.82 -2.38
N LEU A 21 -4.69 -4.66 -2.19
CA LEU A 21 -5.24 -3.41 -1.69
C LEU A 21 -4.69 -3.15 -0.30
N ALA A 22 -4.81 -4.10 0.63
CA ALA A 22 -4.32 -3.94 1.99
C ALA A 22 -2.85 -3.49 2.02
N GLU A 23 -2.03 -4.01 1.11
CA GLU A 23 -0.64 -3.64 0.95
C GLU A 23 -0.51 -2.18 0.54
N ALA A 24 -1.31 -1.79 -0.45
CA ALA A 24 -1.29 -0.44 -1.00
C ALA A 24 -1.83 0.56 0.02
N MET A 25 -2.84 0.16 0.81
CA MET A 25 -3.40 0.95 1.88
C MET A 25 -2.50 0.94 3.12
N SER A 26 -1.39 0.19 3.08
CA SER A 26 -0.37 0.17 4.12
C SER A 26 0.83 0.99 3.62
N GLN A 27 0.94 1.22 2.30
CA GLN A 27 2.03 1.93 1.64
C GLN A 27 1.68 3.40 1.37
N VAL A 28 0.52 3.67 0.78
CA VAL A 28 0.07 4.99 0.34
C VAL A 28 -0.14 5.84 1.57
N THR A 29 -0.87 5.26 2.53
CA THR A 29 -1.15 5.75 3.82
C THR A 29 0.12 6.06 4.60
N ASN A 30 1.19 5.29 4.37
CA ASN A 30 2.51 5.54 4.96
C ASN A 30 3.18 6.74 4.29
N SER A 31 3.08 6.81 2.96
CA SER A 31 3.61 7.92 2.19
C SER A 31 2.94 9.22 2.64
N ALA A 32 1.66 9.14 3.02
CA ALA A 32 0.92 10.25 3.59
C ALA A 32 1.23 10.46 5.08
N THR A 33 1.59 9.40 5.81
CA THR A 33 2.03 9.55 7.19
C THR A 33 3.34 10.33 7.21
N ILE A 34 4.16 10.16 6.18
CA ILE A 34 5.37 10.96 6.05
C ILE A 34 4.96 12.42 5.91
N MET A 35 3.85 12.73 5.23
CA MET A 35 3.40 14.11 5.05
C MET A 35 3.01 14.70 6.40
N MET A 36 2.27 13.92 7.21
CA MET A 36 1.79 14.35 8.51
C MET A 36 2.96 14.57 9.48
N GLN A 37 4.02 13.76 9.29
CA GLN A 37 5.24 13.73 10.06
C GLN A 37 6.24 14.79 9.57
N ARG A 38 6.21 15.12 8.28
CA ARG A 38 7.16 16.06 7.69
C ARG A 38 6.93 17.42 8.31
N GLY A 39 8.01 17.92 8.90
CA GLY A 39 8.04 19.15 9.68
C GLY A 39 7.92 18.84 11.17
N ASN A 40 7.16 17.79 11.55
CA ASN A 40 7.00 17.42 12.96
C ASN A 40 8.26 16.73 13.46
N PHE A 41 8.75 15.71 12.74
CA PHE A 41 9.94 14.93 13.10
C PHE A 41 11.12 15.82 13.49
N ARG A 42 11.38 16.79 12.64
CA ARG A 42 12.37 17.86 12.76
C ARG A 42 12.25 18.55 14.12
N ASN A 43 11.04 19.00 14.43
CA ASN A 43 10.73 19.79 15.62
C ASN A 43 10.85 18.95 16.89
N GLN A 44 10.38 17.70 16.82
CA GLN A 44 10.28 16.74 17.89
C GLN A 44 11.60 16.45 18.60
N ARG A 45 11.50 15.64 19.66
CA ARG A 45 12.58 15.29 20.57
C ARG A 45 13.04 16.55 21.31
N LYS A 46 12.17 17.03 22.21
CA LYS A 46 12.21 18.18 23.00
C LYS A 46 13.11 17.89 24.19
N ILE A 47 12.50 18.05 25.34
CA ILE A 47 13.03 17.77 26.66
C ILE A 47 13.00 16.25 26.87
N VAL A 48 13.96 15.56 26.25
CA VAL A 48 14.13 14.12 26.36
C VAL A 48 14.76 13.80 27.72
N LEU A 1 -17.68 -19.96 -23.39
CA LEU A 1 -16.27 -20.19 -23.75
C LEU A 1 -15.42 -20.38 -22.49
N GLU A 2 -14.16 -20.80 -22.65
CA GLU A 2 -13.19 -20.91 -21.57
C GLU A 2 -12.63 -19.52 -21.27
N GLU A 3 -13.51 -18.64 -20.77
CA GLU A 3 -13.25 -17.24 -20.50
C GLU A 3 -12.92 -16.87 -19.06
N MET A 4 -12.69 -17.93 -18.29
CA MET A 4 -12.25 -17.92 -16.91
C MET A 4 -10.79 -17.49 -16.83
N MET A 5 -10.01 -17.89 -17.83
CA MET A 5 -8.66 -17.59 -18.10
C MET A 5 -8.57 -16.11 -18.49
N THR A 6 -9.51 -15.66 -19.34
CA THR A 6 -9.59 -14.29 -19.82
C THR A 6 -9.94 -13.35 -18.67
N ALA A 7 -10.85 -13.80 -17.79
CA ALA A 7 -11.24 -13.07 -16.60
C ALA A 7 -10.07 -12.99 -15.62
N CYS A 8 -9.65 -14.14 -15.11
CA CYS A 8 -8.56 -14.26 -14.15
C CYS A 8 -7.24 -14.38 -14.89
N GLN A 9 -6.92 -13.37 -15.69
CA GLN A 9 -5.71 -13.31 -16.50
C GLN A 9 -4.52 -12.90 -15.65
N GLY A 10 -4.68 -11.80 -14.92
CA GLY A 10 -3.70 -11.28 -13.97
C GLY A 10 -4.41 -10.61 -12.80
N VAL A 11 -5.43 -11.26 -12.25
CA VAL A 11 -6.19 -10.77 -11.12
C VAL A 11 -5.37 -10.85 -9.83
N GLY A 12 -4.57 -11.91 -9.69
CA GLY A 12 -3.68 -12.14 -8.56
C GLY A 12 -4.37 -13.00 -7.49
N GLY A 13 -5.67 -12.76 -7.27
CA GLY A 13 -6.47 -13.48 -6.30
C GLY A 13 -6.39 -12.85 -4.90
N PRO A 14 -7.05 -13.45 -3.90
CA PRO A 14 -7.13 -12.92 -2.54
C PRO A 14 -5.75 -12.77 -1.91
N GLY A 15 -5.04 -13.89 -1.88
CA GLY A 15 -3.66 -14.00 -1.39
C GLY A 15 -2.76 -12.89 -1.93
N HIS A 16 -2.88 -12.55 -3.22
CA HIS A 16 -2.12 -11.46 -3.80
C HIS A 16 -2.73 -10.10 -3.47
N LYS A 17 -4.05 -9.97 -3.36
CA LYS A 17 -4.63 -8.70 -2.94
C LYS A 17 -4.13 -8.35 -1.53
N ALA A 18 -3.82 -9.37 -0.73
CA ALA A 18 -3.23 -9.18 0.59
C ALA A 18 -1.78 -8.73 0.42
N ARG A 19 -1.03 -9.31 -0.53
CA ARG A 19 0.37 -8.93 -0.74
C ARG A 19 0.48 -7.52 -1.31
N VAL A 20 -0.40 -7.19 -2.26
CA VAL A 20 -0.42 -5.95 -3.00
C VAL A 20 -0.83 -4.81 -2.08
N LEU A 21 -1.76 -5.08 -1.17
CA LEU A 21 -2.15 -4.12 -0.15
C LEU A 21 -0.93 -3.94 0.74
N ALA A 22 -0.41 -5.02 1.33
CA ALA A 22 0.72 -5.00 2.26
C ALA A 22 1.88 -4.15 1.73
N GLU A 23 2.16 -4.28 0.43
CA GLU A 23 3.18 -3.51 -0.26
C GLU A 23 2.85 -2.02 -0.26
N ALA A 24 1.59 -1.72 -0.50
CA ALA A 24 1.10 -0.37 -0.64
C ALA A 24 0.93 0.33 0.70
N MET A 25 0.55 -0.40 1.76
CA MET A 25 0.41 0.19 3.09
C MET A 25 1.74 0.25 3.83
N SER A 26 2.83 0.04 3.10
CA SER A 26 4.20 0.18 3.55
C SER A 26 4.84 1.28 2.68
N GLN A 27 4.41 1.39 1.41
CA GLN A 27 4.90 2.35 0.43
C GLN A 27 4.28 3.73 0.63
N VAL A 28 2.95 3.78 0.75
CA VAL A 28 2.19 5.02 0.86
C VAL A 28 2.59 5.68 2.16
N THR A 29 2.59 4.86 3.20
CA THR A 29 3.00 5.12 4.54
C THR A 29 4.46 5.63 4.61
N ASN A 30 5.33 5.11 3.74
CA ASN A 30 6.71 5.60 3.63
C ASN A 30 6.72 6.99 3.00
N SER A 31 5.95 7.15 1.92
CA SER A 31 5.82 8.42 1.21
C SER A 31 5.29 9.50 2.16
N ALA A 32 4.50 9.09 3.16
CA ALA A 32 4.02 9.97 4.21
C ALA A 32 5.05 10.10 5.34
N THR A 33 5.89 9.08 5.57
CA THR A 33 6.98 9.17 6.54
C THR A 33 7.94 10.26 6.10
N ILE A 34 8.11 10.41 4.78
CA ILE A 34 8.90 11.47 4.20
C ILE A 34 8.32 12.81 4.61
N MET A 35 6.99 12.95 4.67
CA MET A 35 6.31 14.20 5.02
C MET A 35 6.56 14.56 6.49
N MET A 36 6.52 13.56 7.37
CA MET A 36 6.79 13.71 8.79
C MET A 36 8.23 14.22 8.96
N GLN A 37 9.13 13.52 8.27
CA GLN A 37 10.55 13.80 8.14
C GLN A 37 10.78 15.21 7.54
N ARG A 38 9.91 15.64 6.61
CA ARG A 38 9.89 16.97 5.99
C ARG A 38 9.17 17.99 6.91
N GLY A 39 9.57 17.91 8.17
CA GLY A 39 9.16 18.73 9.28
C GLY A 39 9.30 17.95 10.59
N ASN A 40 10.42 17.24 10.77
CA ASN A 40 10.65 16.38 11.93
C ASN A 40 10.50 17.16 13.24
N PHE A 41 11.16 18.31 13.36
CA PHE A 41 11.15 19.15 14.54
C PHE A 41 9.72 19.51 14.96
N ARG A 42 8.91 19.96 14.00
CA ARG A 42 7.52 20.33 14.19
C ARG A 42 6.67 19.14 14.61
N ASN A 43 6.85 18.04 13.89
CA ASN A 43 6.09 16.81 14.03
C ASN A 43 6.27 16.21 15.40
N GLN A 44 7.52 16.21 15.87
CA GLN A 44 7.96 15.60 17.11
C GLN A 44 7.18 16.03 18.35
N ARG A 45 7.37 15.22 19.39
CA ARG A 45 6.67 15.32 20.68
C ARG A 45 5.15 15.26 20.46
N LYS A 46 4.72 14.22 19.73
CA LYS A 46 3.34 13.98 19.34
C LYS A 46 2.76 12.98 20.34
N ILE A 47 2.88 13.37 21.61
CA ILE A 47 2.53 12.61 22.80
C ILE A 47 3.56 11.49 22.94
N VAL A 48 4.83 11.91 23.08
CA VAL A 48 6.01 11.07 23.21
C VAL A 48 6.91 11.74 24.24
N LEU A 1 3.48 -15.75 -13.38
CA LEU A 1 3.20 -14.30 -13.44
C LEU A 1 2.34 -13.88 -12.25
N GLU A 2 2.62 -12.70 -11.70
CA GLU A 2 1.91 -12.10 -10.58
C GLU A 2 1.26 -10.80 -11.05
N GLU A 3 0.34 -10.25 -10.25
CA GLU A 3 -0.42 -9.05 -10.52
C GLU A 3 0.39 -7.81 -10.81
N MET A 4 -0.45 -6.90 -11.28
CA MET A 4 -0.23 -5.51 -11.62
C MET A 4 -1.59 -4.86 -11.81
N MET A 5 -2.59 -5.37 -11.07
CA MET A 5 -4.00 -5.11 -11.11
C MET A 5 -4.40 -4.96 -12.57
N THR A 6 -3.73 -5.83 -13.35
CA THR A 6 -3.72 -5.91 -14.80
C THR A 6 -2.93 -7.14 -15.15
N ALA A 7 -1.73 -7.30 -14.55
CA ALA A 7 -0.87 -8.40 -14.93
C ALA A 7 -1.51 -9.76 -14.65
N CYS A 8 -2.39 -9.85 -13.64
CA CYS A 8 -3.15 -11.06 -13.34
C CYS A 8 -4.52 -10.65 -12.80
N GLN A 9 -5.22 -9.83 -13.59
CA GLN A 9 -6.49 -9.22 -13.22
C GLN A 9 -7.58 -10.29 -13.09
N GLY A 10 -7.97 -10.57 -11.85
CA GLY A 10 -9.01 -11.54 -11.54
C GLY A 10 -8.62 -12.97 -11.94
N VAL A 11 -7.35 -13.34 -11.78
CA VAL A 11 -6.90 -14.71 -12.04
C VAL A 11 -7.54 -15.66 -11.02
N GLY A 12 -7.63 -15.21 -9.76
CA GLY A 12 -8.29 -15.92 -8.69
C GLY A 12 -9.80 -15.68 -8.79
N GLY A 13 -10.20 -14.42 -8.89
CA GLY A 13 -11.59 -14.01 -9.03
C GLY A 13 -11.81 -12.60 -8.45
N PRO A 14 -13.08 -12.19 -8.29
CA PRO A 14 -13.50 -10.94 -7.67
C PRO A 14 -13.00 -10.86 -6.23
N GLY A 15 -13.26 -11.95 -5.51
CA GLY A 15 -12.81 -12.18 -4.15
C GLY A 15 -11.31 -11.90 -3.99
N HIS A 16 -10.50 -12.37 -4.95
CA HIS A 16 -9.07 -12.14 -4.99
C HIS A 16 -8.74 -10.73 -5.48
N LYS A 17 -9.55 -10.16 -6.38
CA LYS A 17 -9.41 -8.79 -6.82
C LYS A 17 -9.59 -7.84 -5.62
N ALA A 18 -10.45 -8.23 -4.67
CA ALA A 18 -10.67 -7.53 -3.43
C ALA A 18 -9.50 -7.76 -2.48
N ARG A 19 -8.89 -8.97 -2.47
CA ARG A 19 -7.74 -9.24 -1.62
C ARG A 19 -6.53 -8.41 -2.08
N VAL A 20 -6.32 -8.36 -3.40
CA VAL A 20 -5.24 -7.64 -4.04
C VAL A 20 -5.44 -6.15 -3.83
N LEU A 21 -6.68 -5.67 -3.97
CA LEU A 21 -7.00 -4.29 -3.68
C LEU A 21 -6.65 -3.98 -2.23
N ALA A 22 -7.17 -4.76 -1.27
CA ALA A 22 -6.91 -4.55 0.15
C ALA A 22 -5.40 -4.46 0.44
N GLU A 23 -4.61 -5.31 -0.20
CA GLU A 23 -3.16 -5.32 -0.08
C GLU A 23 -2.57 -3.99 -0.54
N ALA A 24 -3.02 -3.56 -1.72
CA ALA A 24 -2.54 -2.35 -2.37
C ALA A 24 -3.01 -1.10 -1.63
N MET A 25 -4.23 -1.10 -1.10
CA MET A 25 -4.80 -0.01 -0.36
C MET A 25 -3.96 0.20 0.88
N SER A 26 -3.66 -0.91 1.59
CA SER A 26 -2.78 -0.88 2.74
C SER A 26 -1.40 -0.32 2.37
N GLN A 27 -0.89 -0.65 1.18
CA GLN A 27 0.45 -0.27 0.75
C GLN A 27 0.53 1.19 0.29
N VAL A 28 -0.51 1.66 -0.39
CA VAL A 28 -0.63 3.00 -0.95
C VAL A 28 -0.80 3.99 0.20
N THR A 29 -1.73 3.67 1.10
CA THR A 29 -1.97 4.44 2.32
C THR A 29 -0.74 4.40 3.23
N ASN A 30 -0.01 3.29 3.22
CA ASN A 30 1.26 3.16 3.95
C ASN A 30 2.30 4.09 3.33
N SER A 31 2.32 4.16 1.99
CA SER A 31 3.22 5.04 1.27
C SER A 31 2.93 6.48 1.67
N ALA A 32 1.66 6.81 1.92
CA ALA A 32 1.30 8.13 2.43
C ALA A 32 1.54 8.23 3.93
N THR A 33 1.50 7.13 4.69
CA THR A 33 1.84 7.18 6.12
C THR A 33 3.29 7.62 6.22
N ILE A 34 4.12 7.19 5.27
CA ILE A 34 5.50 7.59 5.16
C ILE A 34 5.58 9.08 4.81
N MET A 35 4.70 9.63 3.97
CA MET A 35 4.76 11.06 3.62
C MET A 35 4.30 11.95 4.78
N MET A 36 3.38 11.46 5.63
CA MET A 36 2.95 12.16 6.82
C MET A 36 4.13 12.19 7.80
N GLN A 37 4.64 10.99 8.10
CA GLN A 37 5.79 10.70 8.89
C GLN A 37 6.97 11.59 8.48
N ARG A 38 7.20 11.74 7.16
CA ARG A 38 8.17 12.62 6.57
C ARG A 38 7.68 14.05 6.79
N GLY A 39 7.97 14.53 7.99
CA GLY A 39 7.54 15.80 8.55
C GLY A 39 7.08 15.62 10.00
N ASN A 40 6.02 14.81 10.21
CA ASN A 40 5.39 14.63 11.51
C ASN A 40 6.06 13.55 12.38
N PHE A 41 7.36 13.27 12.15
CA PHE A 41 8.12 12.26 12.87
C PHE A 41 9.59 12.42 12.52
N ARG A 42 9.88 12.25 11.23
CA ARG A 42 11.20 12.25 10.64
C ARG A 42 11.98 13.50 11.04
N ASN A 43 11.34 14.65 10.83
CA ASN A 43 11.88 15.96 11.12
C ASN A 43 11.80 16.27 12.61
N GLN A 44 10.61 16.07 13.19
CA GLN A 44 10.26 16.39 14.55
C GLN A 44 11.34 16.01 15.57
N ARG A 45 11.50 14.70 15.80
CA ARG A 45 12.40 14.15 16.80
C ARG A 45 12.22 14.83 18.15
N LYS A 46 10.96 14.89 18.59
CA LYS A 46 10.49 15.39 19.86
C LYS A 46 10.40 14.18 20.80
N ILE A 47 11.52 13.44 20.85
CA ILE A 47 11.70 12.19 21.56
C ILE A 47 10.75 11.17 20.94
N VAL A 48 10.92 10.90 19.63
CA VAL A 48 10.10 9.99 18.85
C VAL A 48 10.86 9.59 17.59
N LEU A 1 -12.22 -31.65 -14.62
CA LEU A 1 -11.94 -30.89 -15.85
C LEU A 1 -12.83 -29.64 -15.90
N GLU A 2 -12.55 -28.69 -15.01
CA GLU A 2 -13.32 -27.47 -14.81
C GLU A 2 -12.89 -26.44 -15.87
N GLU A 3 -13.25 -26.71 -17.13
CA GLU A 3 -12.88 -25.94 -18.30
C GLU A 3 -13.60 -24.61 -18.52
N MET A 4 -14.28 -24.19 -17.46
CA MET A 4 -14.97 -22.94 -17.33
C MET A 4 -13.97 -21.77 -17.37
N MET A 5 -12.80 -21.96 -16.76
CA MET A 5 -11.72 -21.00 -16.76
C MET A 5 -11.11 -20.85 -18.15
N THR A 6 -11.15 -21.92 -18.95
CA THR A 6 -10.73 -21.90 -20.35
C THR A 6 -11.76 -21.14 -21.19
N ALA A 7 -13.04 -21.40 -20.93
CA ALA A 7 -14.16 -20.82 -21.66
C ALA A 7 -14.25 -19.31 -21.43
N CYS A 8 -14.61 -18.90 -20.22
CA CYS A 8 -14.81 -17.49 -19.86
C CYS A 8 -13.52 -16.92 -19.27
N GLN A 9 -12.45 -16.96 -20.07
CA GLN A 9 -11.12 -16.53 -19.67
C GLN A 9 -11.00 -15.00 -19.78
N GLY A 10 -11.69 -14.28 -18.90
CA GLY A 10 -11.61 -12.84 -18.79
C GLY A 10 -10.22 -12.43 -18.32
N VAL A 11 -9.85 -12.90 -17.11
CA VAL A 11 -8.56 -12.73 -16.45
C VAL A 11 -8.09 -11.28 -16.51
N GLY A 12 -9.07 -10.41 -16.26
CA GLY A 12 -8.92 -8.96 -16.25
C GLY A 12 -8.66 -8.43 -14.84
N GLY A 13 -7.94 -9.19 -14.03
CA GLY A 13 -7.55 -8.79 -12.68
C GLY A 13 -6.37 -7.82 -12.71
N PRO A 14 -6.17 -7.07 -11.63
CA PRO A 14 -5.02 -6.18 -11.47
C PRO A 14 -3.75 -7.01 -11.46
N GLY A 15 -3.50 -7.70 -10.34
CA GLY A 15 -2.41 -8.65 -10.11
C GLY A 15 -1.05 -7.99 -9.91
N HIS A 16 -0.83 -6.87 -10.61
CA HIS A 16 0.35 -6.03 -10.56
C HIS A 16 -0.07 -4.61 -10.22
N LYS A 17 -1.22 -4.16 -10.75
CA LYS A 17 -1.76 -2.86 -10.37
C LYS A 17 -2.04 -2.90 -8.85
N ALA A 18 -2.34 -4.11 -8.34
CA ALA A 18 -2.52 -4.42 -6.93
C ALA A 18 -1.19 -4.24 -6.19
N ARG A 19 -0.09 -4.68 -6.80
CA ARG A 19 1.24 -4.58 -6.21
C ARG A 19 1.73 -3.12 -6.21
N VAL A 20 1.41 -2.37 -7.27
CA VAL A 20 1.72 -0.96 -7.39
C VAL A 20 0.95 -0.18 -6.34
N LEU A 21 -0.34 -0.51 -6.18
CA LEU A 21 -1.15 0.10 -5.14
C LEU A 21 -0.52 -0.19 -3.78
N ALA A 22 -0.27 -1.46 -3.46
CA ALA A 22 0.34 -1.88 -2.21
C ALA A 22 1.62 -1.08 -1.91
N GLU A 23 2.45 -0.82 -2.93
CA GLU A 23 3.67 -0.04 -2.81
C GLU A 23 3.33 1.39 -2.40
N ALA A 24 2.34 1.97 -3.08
CA ALA A 24 1.91 3.34 -2.83
C ALA A 24 1.26 3.44 -1.46
N MET A 25 0.55 2.41 -1.02
CA MET A 25 -0.06 2.32 0.29
C MET A 25 0.97 1.91 1.36
N SER A 26 2.24 1.74 0.96
CA SER A 26 3.36 1.49 1.84
C SER A 26 4.27 2.72 1.83
N GLN A 27 4.08 3.65 0.87
CA GLN A 27 4.85 4.88 0.70
C GLN A 27 4.11 6.10 1.23
N VAL A 28 2.82 6.25 0.87
CA VAL A 28 1.98 7.41 1.19
C VAL A 28 1.76 7.40 2.69
N THR A 29 1.31 6.23 3.17
CA THR A 29 1.09 5.86 4.52
C THR A 29 2.35 6.07 5.36
N ASN A 30 3.54 5.87 4.78
CA ASN A 30 4.82 6.14 5.44
C ASN A 30 5.04 7.64 5.54
N SER A 31 4.78 8.35 4.46
CA SER A 31 4.90 9.81 4.41
C SER A 31 3.98 10.44 5.45
N ALA A 32 2.86 9.78 5.76
CA ALA A 32 1.95 10.19 6.82
C ALA A 32 2.41 9.67 8.18
N THR A 33 3.10 8.53 8.24
CA THR A 33 3.67 8.04 9.49
C THR A 33 4.70 9.04 9.99
N ILE A 34 5.40 9.71 9.05
CA ILE A 34 6.32 10.78 9.36
C ILE A 34 5.57 11.91 10.06
N MET A 35 4.31 12.17 9.70
CA MET A 35 3.48 13.21 10.29
C MET A 35 3.04 12.85 11.72
N MET A 36 2.67 11.58 11.94
CA MET A 36 2.29 11.07 13.25
C MET A 36 3.49 11.20 14.19
N GLN A 37 4.63 10.72 13.69
CA GLN A 37 5.93 10.81 14.28
C GLN A 37 6.24 12.28 14.60
N ARG A 38 5.90 13.18 13.67
CA ARG A 38 5.99 14.65 13.78
C ARG A 38 4.80 15.21 14.57
N GLY A 39 4.55 14.54 15.69
CA GLY A 39 3.61 14.80 16.75
C GLY A 39 4.37 14.53 18.05
N ASN A 40 4.82 13.28 18.22
CA ASN A 40 5.66 12.86 19.34
C ASN A 40 7.11 13.19 18.93
N PHE A 41 7.35 14.49 18.73
CA PHE A 41 8.56 15.09 18.21
C PHE A 41 8.35 16.61 18.25
N ARG A 42 7.22 17.01 17.65
CA ARG A 42 6.70 18.36 17.63
C ARG A 42 6.49 18.86 19.07
N ASN A 43 5.89 17.99 19.87
CA ASN A 43 5.65 18.19 21.29
C ASN A 43 6.99 18.21 22.04
N GLN A 44 7.82 17.21 21.75
CA GLN A 44 9.09 16.97 22.40
C GLN A 44 10.04 18.15 22.33
N ARG A 45 10.25 18.66 21.11
CA ARG A 45 11.20 19.72 20.77
C ARG A 45 12.61 19.27 21.15
N LYS A 46 13.01 18.11 20.63
CA LYS A 46 14.24 17.43 20.91
C LYS A 46 15.05 17.47 19.61
N ILE A 47 15.39 16.28 19.19
CA ILE A 47 16.06 15.92 17.95
C ILE A 47 15.25 16.42 16.76
N VAL A 48 15.94 16.76 15.66
CA VAL A 48 15.33 17.24 14.41
C VAL A 48 15.37 16.11 13.38
N LEU A 1 -2.44 -19.38 -22.88
CA LEU A 1 -3.45 -19.67 -21.84
C LEU A 1 -4.82 -19.98 -22.47
N GLU A 2 -5.63 -20.79 -21.78
CA GLU A 2 -6.99 -21.10 -22.17
C GLU A 2 -7.90 -20.00 -21.61
N GLU A 3 -9.16 -19.99 -22.06
CA GLU A 3 -10.14 -19.02 -21.71
C GLU A 3 -10.43 -18.93 -20.23
N MET A 4 -11.12 -17.83 -19.98
CA MET A 4 -11.54 -17.25 -18.71
C MET A 4 -10.36 -16.66 -17.93
N MET A 5 -9.14 -17.17 -18.16
CA MET A 5 -7.92 -16.69 -17.55
C MET A 5 -7.59 -15.27 -18.03
N THR A 6 -7.98 -14.95 -19.26
CA THR A 6 -7.80 -13.63 -19.87
C THR A 6 -8.57 -12.57 -19.08
N ALA A 7 -9.78 -12.95 -18.61
CA ALA A 7 -10.62 -12.11 -17.78
C ALA A 7 -10.10 -12.10 -16.34
N CYS A 8 -10.01 -13.29 -15.74
CA CYS A 8 -9.54 -13.52 -14.39
C CYS A 8 -8.01 -13.59 -14.40
N GLN A 9 -7.39 -12.50 -14.85
CA GLN A 9 -5.95 -12.37 -15.05
C GLN A 9 -5.29 -12.00 -13.74
N GLY A 10 -5.22 -12.98 -12.82
CA GLY A 10 -4.72 -12.79 -11.47
C GLY A 10 -5.63 -11.84 -10.69
N VAL A 11 -6.95 -12.04 -10.81
CA VAL A 11 -7.95 -11.21 -10.14
C VAL A 11 -7.92 -11.48 -8.64
N GLY A 12 -7.88 -12.77 -8.26
CA GLY A 12 -7.74 -13.25 -6.90
C GLY A 12 -8.79 -12.74 -5.90
N GLY A 13 -9.97 -12.31 -6.39
CA GLY A 13 -11.10 -11.90 -5.59
C GLY A 13 -10.74 -10.90 -4.47
N PRO A 14 -11.36 -11.03 -3.28
CA PRO A 14 -11.21 -10.10 -2.16
C PRO A 14 -9.82 -10.17 -1.57
N GLY A 15 -9.36 -11.40 -1.38
CA GLY A 15 -8.06 -11.76 -0.84
C GLY A 15 -6.93 -10.97 -1.53
N HIS A 16 -6.97 -10.91 -2.87
CA HIS A 16 -5.98 -10.15 -3.64
C HIS A 16 -6.27 -8.65 -3.61
N LYS A 17 -7.54 -8.25 -3.50
CA LYS A 17 -7.89 -6.84 -3.34
C LYS A 17 -7.25 -6.32 -2.05
N ALA A 18 -7.23 -7.17 -1.01
CA ALA A 18 -6.61 -6.90 0.27
C ALA A 18 -5.09 -6.94 0.15
N ARG A 19 -4.53 -7.80 -0.71
CA ARG A 19 -3.09 -7.85 -0.91
C ARG A 19 -2.60 -6.59 -1.64
N VAL A 20 -3.38 -6.13 -2.61
CA VAL A 20 -3.08 -4.92 -3.37
C VAL A 20 -3.21 -3.70 -2.46
N LEU A 21 -4.26 -3.68 -1.63
CA LEU A 21 -4.42 -2.63 -0.63
C LEU A 21 -3.22 -2.61 0.29
N ALA A 22 -2.84 -3.75 0.89
CA ALA A 22 -1.70 -3.83 1.79
C ALA A 22 -0.43 -3.26 1.17
N GLU A 23 -0.22 -3.53 -0.14
CA GLU A 23 0.92 -3.03 -0.90
C GLU A 23 0.87 -1.51 -0.96
N ALA A 24 -0.31 -0.98 -1.29
CA ALA A 24 -0.51 0.45 -1.45
C ALA A 24 -0.46 1.16 -0.11
N MET A 25 -1.01 0.55 0.93
CA MET A 25 -1.08 1.14 2.25
C MET A 25 0.34 1.31 2.71
N SER A 26 1.11 0.22 2.70
CA SER A 26 2.52 0.25 3.10
C SER A 26 3.30 1.34 2.34
N GLN A 27 2.98 1.55 1.06
CA GLN A 27 3.63 2.54 0.21
C GLN A 27 3.24 3.97 0.58
N VAL A 28 1.94 4.19 0.80
CA VAL A 28 1.35 5.50 1.07
C VAL A 28 1.84 5.97 2.44
N THR A 29 1.73 5.07 3.41
CA THR A 29 2.20 5.16 4.76
C THR A 29 3.71 5.41 4.80
N ASN A 30 4.49 4.83 3.87
CA ASN A 30 5.91 5.09 3.75
C ASN A 30 6.14 6.52 3.26
N SER A 31 5.37 6.90 2.24
CA SER A 31 5.44 8.24 1.65
C SER A 31 5.12 9.28 2.72
N ALA A 32 4.28 8.93 3.69
CA ALA A 32 3.97 9.78 4.84
C ALA A 32 5.05 9.65 5.93
N THR A 33 5.72 8.50 6.02
CA THR A 33 6.85 8.32 6.94
C THR A 33 7.97 9.25 6.50
N ILE A 34 8.10 9.50 5.19
CA ILE A 34 9.07 10.45 4.69
C ILE A 34 8.72 11.84 5.23
N MET A 35 7.43 12.15 5.42
CA MET A 35 6.95 13.42 5.97
C MET A 35 7.26 13.50 7.46
N MET A 36 7.04 12.41 8.20
CA MET A 36 7.26 12.39 9.65
C MET A 36 8.77 12.51 9.93
N GLN A 37 9.57 11.88 9.08
CA GLN A 37 11.02 11.89 9.03
C GLN A 37 11.51 13.28 8.63
N ARG A 38 10.78 13.96 7.75
CA ARG A 38 11.02 15.33 7.35
C ARG A 38 10.78 16.16 8.61
N GLY A 39 11.90 16.56 9.22
CA GLY A 39 11.94 17.26 10.49
C GLY A 39 11.62 16.28 11.63
N ASN A 40 12.22 15.07 11.57
CA ASN A 40 12.10 13.97 12.53
C ASN A 40 11.86 14.45 13.96
N PHE A 41 12.88 15.06 14.57
CA PHE A 41 12.88 15.47 15.97
C PHE A 41 11.65 16.31 16.34
N ARG A 42 11.30 17.26 15.48
CA ARG A 42 10.11 18.09 15.61
C ARG A 42 8.84 17.24 15.69
N ASN A 43 8.76 16.23 14.82
CA ASN A 43 7.61 15.33 14.70
C ASN A 43 7.51 14.44 15.93
N GLN A 44 8.65 13.88 16.37
CA GLN A 44 8.76 13.07 17.55
C GLN A 44 8.24 13.84 18.76
N ARG A 45 8.78 15.04 18.96
CA ARG A 45 8.47 15.95 20.03
C ARG A 45 6.96 16.21 20.11
N LYS A 46 6.37 16.67 19.00
CA LYS A 46 4.98 17.02 18.89
C LYS A 46 4.24 15.96 18.07
N ILE A 47 4.41 14.71 18.51
CA ILE A 47 3.72 13.56 17.95
C ILE A 47 2.22 13.68 18.23
N VAL A 48 1.39 13.24 17.29
CA VAL A 48 -0.06 13.29 17.39
C VAL A 48 -0.56 12.40 18.53
N LEU A 1 -19.38 -24.65 -9.58
CA LEU A 1 -19.53 -23.62 -10.62
C LEU A 1 -19.23 -24.24 -11.99
N GLU A 2 -19.80 -23.66 -13.06
CA GLU A 2 -19.62 -24.08 -14.44
C GLU A 2 -18.28 -23.59 -15.00
N GLU A 3 -17.19 -24.03 -14.35
CA GLU A 3 -15.80 -23.69 -14.55
C GLU A 3 -15.44 -23.06 -15.88
N MET A 4 -15.15 -21.76 -15.73
CA MET A 4 -14.81 -20.81 -16.78
C MET A 4 -13.42 -20.24 -16.50
N MET A 5 -13.19 -19.82 -15.25
CA MET A 5 -11.91 -19.35 -14.76
C MET A 5 -10.87 -20.45 -14.90
N THR A 6 -11.28 -21.70 -14.66
CA THR A 6 -10.41 -22.86 -14.82
C THR A 6 -10.13 -23.10 -16.31
N ALA A 7 -11.12 -22.89 -17.17
CA ALA A 7 -10.98 -23.06 -18.60
C ALA A 7 -9.94 -22.10 -19.18
N CYS A 8 -10.02 -20.83 -18.76
CA CYS A 8 -9.05 -19.79 -19.11
C CYS A 8 -8.13 -19.51 -17.93
N GLN A 9 -7.46 -20.55 -17.45
CA GLN A 9 -6.47 -20.48 -16.38
C GLN A 9 -5.36 -19.50 -16.77
N GLY A 10 -5.13 -18.50 -15.92
CA GLY A 10 -4.19 -17.42 -16.20
C GLY A 10 -4.72 -16.54 -17.33
N VAL A 11 -5.88 -15.91 -17.09
CA VAL A 11 -6.55 -15.05 -18.06
C VAL A 11 -5.75 -13.76 -18.29
N GLY A 12 -5.10 -13.27 -17.23
CA GLY A 12 -4.27 -12.08 -17.28
C GLY A 12 -3.63 -11.84 -15.92
N GLY A 13 -4.42 -11.35 -14.97
CA GLY A 13 -3.96 -11.05 -13.62
C GLY A 13 -3.20 -9.72 -13.54
N PRO A 14 -3.01 -9.19 -12.33
CA PRO A 14 -2.22 -8.00 -12.09
C PRO A 14 -0.77 -8.30 -12.50
N GLY A 15 -0.06 -9.06 -11.67
CA GLY A 15 1.29 -9.61 -11.82
C GLY A 15 2.38 -8.57 -11.62
N HIS A 16 2.18 -7.44 -12.27
CA HIS A 16 2.98 -6.23 -12.25
C HIS A 16 2.13 -5.13 -11.63
N LYS A 17 0.82 -5.14 -11.90
CA LYS A 17 -0.09 -4.22 -11.25
C LYS A 17 -0.06 -4.51 -9.74
N ALA A 18 0.32 -5.73 -9.37
CA ALA A 18 0.54 -6.19 -8.01
C ALA A 18 1.79 -5.50 -7.46
N ARG A 19 2.84 -5.36 -8.28
CA ARG A 19 4.07 -4.66 -7.90
C ARG A 19 3.81 -3.17 -7.73
N VAL A 20 3.06 -2.59 -8.67
CA VAL A 20 2.70 -1.18 -8.69
C VAL A 20 1.87 -0.86 -7.46
N LEU A 21 0.93 -1.75 -7.12
CA LEU A 21 0.15 -1.62 -5.90
C LEU A 21 1.12 -1.63 -4.74
N ALA A 22 1.92 -2.71 -4.59
CA ALA A 22 2.87 -2.90 -3.50
C ALA A 22 3.74 -1.66 -3.27
N GLU A 23 4.13 -1.00 -4.36
CA GLU A 23 4.90 0.24 -4.32
C GLU A 23 4.08 1.36 -3.71
N ALA A 24 2.82 1.47 -4.16
CA ALA A 24 1.91 2.53 -3.78
C ALA A 24 1.38 2.37 -2.37
N MET A 25 1.16 1.14 -1.90
CA MET A 25 0.69 0.91 -0.55
C MET A 25 1.84 0.90 0.46
N SER A 26 3.00 1.36 0.02
CA SER A 26 4.19 1.59 0.81
C SER A 26 4.45 3.10 0.79
N GLN A 27 4.20 3.75 -0.35
CA GLN A 27 4.42 5.16 -0.61
C GLN A 27 3.33 6.03 0.02
N VAL A 28 2.06 5.67 -0.23
CA VAL A 28 0.90 6.44 0.21
C VAL A 28 0.89 6.41 1.73
N THR A 29 1.05 5.20 2.25
CA THR A 29 1.19 4.84 3.62
C THR A 29 2.34 5.59 4.29
N ASN A 30 3.44 5.83 3.56
CA ASN A 30 4.56 6.64 4.06
C ASN A 30 4.15 8.10 4.16
N SER A 31 3.51 8.60 3.10
CA SER A 31 3.02 9.97 3.04
C SER A 31 2.03 10.22 4.19
N ALA A 32 1.30 9.18 4.60
CA ALA A 32 0.42 9.24 5.76
C ALA A 32 1.21 9.05 7.05
N THR A 33 2.34 8.34 7.02
CA THR A 33 3.23 8.22 8.18
C THR A 33 3.82 9.60 8.48
N ILE A 34 4.02 10.43 7.45
CA ILE A 34 4.47 11.79 7.64
C ILE A 34 3.41 12.54 8.46
N MET A 35 2.11 12.22 8.26
CA MET A 35 1.00 12.81 8.98
C MET A 35 0.95 12.31 10.42
N MET A 36 1.11 11.00 10.63
CA MET A 36 1.05 10.41 11.96
C MET A 36 2.24 10.91 12.79
N GLN A 37 3.37 11.10 12.13
CA GLN A 37 4.60 11.67 12.64
C GLN A 37 4.38 13.15 12.92
N ARG A 38 3.65 13.87 12.06
CA ARG A 38 3.27 15.25 12.26
C ARG A 38 2.40 15.33 13.52
N GLY A 39 3.05 15.74 14.60
CA GLY A 39 2.54 15.81 15.96
C GLY A 39 3.53 15.05 16.84
N ASN A 40 3.70 13.74 16.56
CA ASN A 40 4.67 12.88 17.22
C ASN A 40 6.05 13.09 16.58
N PHE A 41 6.53 14.34 16.65
CA PHE A 41 7.75 14.83 16.03
C PHE A 41 8.03 16.21 16.62
N ARG A 42 7.01 17.06 16.52
CA ARG A 42 6.98 18.39 17.11
C ARG A 42 7.04 18.27 18.63
N ASN A 43 6.20 17.37 19.14
CA ASN A 43 6.15 17.00 20.55
C ASN A 43 7.49 16.40 20.95
N GLN A 44 7.99 15.50 20.11
CA GLN A 44 9.24 14.80 20.28
C GLN A 44 10.42 15.76 20.18
N ARG A 45 11.62 15.20 20.29
CA ARG A 45 12.89 15.91 20.12
C ARG A 45 12.90 17.17 20.98
N LYS A 46 12.58 16.99 22.27
CA LYS A 46 12.43 18.02 23.25
C LYS A 46 13.72 17.94 24.04
N ILE A 47 13.53 17.72 25.32
CA ILE A 47 14.55 17.47 26.32
C ILE A 47 14.86 15.97 26.20
N VAL A 48 15.38 15.58 25.02
CA VAL A 48 15.65 14.22 24.61
C VAL A 48 16.92 14.24 23.77
N LEU A 1 -18.71 -28.28 -16.85
CA LEU A 1 -18.65 -26.94 -16.25
C LEU A 1 -17.59 -26.09 -16.94
N GLU A 2 -17.66 -24.76 -16.75
CA GLU A 2 -16.76 -23.79 -17.34
C GLU A 2 -15.45 -23.76 -16.53
N GLU A 3 -14.70 -24.87 -16.59
CA GLU A 3 -13.47 -25.09 -15.82
C GLU A 3 -12.21 -24.37 -16.28
N MET A 4 -12.44 -23.43 -17.18
CA MET A 4 -11.50 -22.50 -17.74
C MET A 4 -11.04 -21.55 -16.63
N MET A 5 -12.02 -20.95 -15.94
CA MET A 5 -11.80 -20.07 -14.80
C MET A 5 -11.12 -20.84 -13.67
N THR A 6 -11.50 -22.11 -13.49
CA THR A 6 -10.94 -22.98 -12.48
C THR A 6 -9.47 -23.27 -12.77
N ALA A 7 -9.11 -23.37 -14.05
CA ALA A 7 -7.74 -23.57 -14.50
C ALA A 7 -6.93 -22.28 -14.36
N CYS A 8 -7.20 -21.31 -15.25
CA CYS A 8 -6.49 -20.04 -15.32
C CYS A 8 -7.19 -19.00 -14.43
N GLN A 9 -7.15 -19.26 -13.12
CA GLN A 9 -7.65 -18.38 -12.08
C GLN A 9 -6.97 -17.02 -12.17
N GLY A 10 -7.76 -15.97 -12.48
CA GLY A 10 -7.25 -14.62 -12.63
C GLY A 10 -6.37 -14.49 -13.87
N VAL A 11 -6.88 -14.91 -15.03
CA VAL A 11 -6.20 -14.78 -16.31
C VAL A 11 -5.99 -13.30 -16.65
N GLY A 12 -6.98 -12.47 -16.33
CA GLY A 12 -6.93 -11.02 -16.47
C GLY A 12 -6.61 -10.38 -15.11
N GLY A 13 -5.68 -10.98 -14.35
CA GLY A 13 -5.26 -10.47 -13.06
C GLY A 13 -4.40 -9.22 -13.20
N PRO A 14 -4.28 -8.44 -12.12
CA PRO A 14 -3.41 -7.27 -12.06
C PRO A 14 -1.97 -7.72 -12.26
N GLY A 15 -1.40 -8.32 -11.21
CA GLY A 15 -0.07 -8.94 -11.14
C GLY A 15 1.02 -7.90 -10.97
N HIS A 16 0.92 -6.82 -11.75
CA HIS A 16 1.78 -5.65 -11.70
C HIS A 16 1.01 -4.47 -11.18
N LYS A 17 -0.29 -4.34 -11.51
CA LYS A 17 -1.07 -3.28 -10.91
C LYS A 17 -1.11 -3.49 -9.39
N ALA A 18 -0.95 -4.75 -8.96
CA ALA A 18 -0.84 -5.16 -7.57
C ALA A 18 0.48 -4.61 -7.01
N ARG A 19 1.58 -4.78 -7.76
CA ARG A 19 2.91 -4.37 -7.33
C ARG A 19 3.02 -2.84 -7.27
N VAL A 20 2.51 -2.20 -8.32
CA VAL A 20 2.58 -0.77 -8.57
C VAL A 20 1.74 -0.04 -7.53
N LEU A 21 0.58 -0.62 -7.18
CA LEU A 21 -0.26 -0.09 -6.13
C LEU A 21 0.48 -0.25 -4.81
N ALA A 22 0.98 -1.45 -4.49
CA ALA A 22 1.70 -1.71 -3.24
C ALA A 22 2.84 -0.70 -3.03
N GLU A 23 3.55 -0.35 -4.11
CA GLU A 23 4.63 0.62 -4.10
C GLU A 23 4.11 2.01 -3.75
N ALA A 24 2.99 2.39 -4.36
CA ALA A 24 2.39 3.69 -4.15
C ALA A 24 1.75 3.79 -2.77
N MET A 25 1.11 2.71 -2.32
CA MET A 25 0.42 2.67 -1.06
C MET A 25 1.47 2.89 0.01
N SER A 26 2.52 2.06 0.00
CA SER A 26 3.61 2.19 0.96
C SER A 26 4.14 3.62 1.02
N GLN A 27 4.22 4.31 -0.13
CA GLN A 27 4.71 5.67 -0.26
C GLN A 27 3.72 6.70 0.30
N VAL A 28 2.43 6.53 0.00
CA VAL A 28 1.35 7.44 0.34
C VAL A 28 1.17 7.40 1.85
N THR A 29 1.05 6.18 2.37
CA THR A 29 0.97 5.81 3.73
C THR A 29 2.18 6.33 4.52
N ASN A 30 3.38 6.35 3.91
CA ASN A 30 4.58 6.93 4.52
C ASN A 30 4.46 8.45 4.57
N SER A 31 3.95 9.05 3.50
CA SER A 31 3.76 10.49 3.41
C SER A 31 2.79 10.94 4.51
N ALA A 32 1.79 10.11 4.79
CA ALA A 32 0.85 10.35 5.89
C ALA A 32 1.51 10.06 7.23
N THR A 33 2.42 9.08 7.31
CA THR A 33 3.18 8.82 8.53
C THR A 33 4.10 10.01 8.81
N ILE A 34 4.59 10.67 7.76
CA ILE A 34 5.39 11.86 7.91
C ILE A 34 4.52 12.95 8.52
N MET A 35 3.25 13.05 8.10
CA MET A 35 2.35 14.09 8.57
C MET A 35 1.89 13.81 10.00
N MET A 36 1.76 12.53 10.39
CA MET A 36 1.41 12.17 11.75
C MET A 36 2.59 12.45 12.67
N GLN A 37 3.79 12.08 12.21
CA GLN A 37 5.07 12.33 12.82
C GLN A 37 5.29 13.84 12.97
N ARG A 38 4.86 14.63 11.99
CA ARG A 38 4.88 16.08 12.01
C ARG A 38 3.76 16.51 12.98
N GLY A 39 4.12 16.42 14.25
CA GLY A 39 3.28 16.63 15.42
C GLY A 39 3.69 15.62 16.47
N ASN A 40 3.50 14.33 16.19
CA ASN A 40 3.90 13.22 17.05
C ASN A 40 5.41 12.96 16.92
N PHE A 41 6.20 13.98 17.24
CA PHE A 41 7.65 13.98 17.27
C PHE A 41 8.11 15.30 17.89
N ARG A 42 7.55 16.39 17.37
CA ARG A 42 7.82 17.74 17.81
C ARG A 42 7.27 17.98 19.21
N ASN A 43 5.98 17.64 19.38
CA ASN A 43 5.26 17.81 20.63
C ASN A 43 5.88 16.92 21.70
N GLN A 44 6.10 15.66 21.31
CA GLN A 44 6.77 14.64 22.09
C GLN A 44 8.12 15.16 22.57
N ARG A 45 8.83 15.79 21.62
CA ARG A 45 10.18 16.31 21.70
C ARG A 45 11.15 15.14 21.65
N LYS A 46 11.20 14.49 20.49
CA LYS A 46 12.08 13.37 20.17
C LYS A 46 13.36 13.94 19.57
N ILE A 47 13.95 14.86 20.35
CA ILE A 47 15.20 15.57 20.13
C ILE A 47 15.00 16.61 19.03
N VAL A 48 14.52 17.80 19.43
CA VAL A 48 14.35 18.98 18.60
C VAL A 48 14.56 20.22 19.47
N LEU A 1 -5.88 -22.58 -25.40
CA LEU A 1 -4.62 -22.19 -24.76
C LEU A 1 -4.56 -20.67 -24.51
N GLU A 2 -5.53 -20.17 -23.74
CA GLU A 2 -5.71 -18.77 -23.43
C GLU A 2 -4.73 -18.37 -22.33
N GLU A 3 -3.44 -18.29 -22.69
CA GLU A 3 -2.32 -18.03 -21.78
C GLU A 3 -2.17 -16.62 -21.21
N MET A 4 -3.21 -15.84 -21.42
CA MET A 4 -3.44 -14.49 -20.95
C MET A 4 -4.46 -14.52 -19.82
N MET A 5 -5.57 -15.22 -20.06
CA MET A 5 -6.62 -15.47 -19.08
C MET A 5 -6.09 -16.35 -17.95
N THR A 6 -5.28 -17.35 -18.31
CA THR A 6 -4.66 -18.27 -17.36
C THR A 6 -3.67 -17.52 -16.47
N ALA A 7 -2.90 -16.63 -17.09
CA ALA A 7 -1.92 -15.80 -16.39
C ALA A 7 -2.63 -14.83 -15.43
N CYS A 8 -3.59 -14.07 -15.96
CA CYS A 8 -4.44 -13.16 -15.21
C CYS A 8 -5.58 -13.95 -14.59
N GLN A 9 -5.23 -14.91 -13.73
CA GLN A 9 -6.15 -15.86 -13.12
C GLN A 9 -7.19 -15.15 -12.26
N GLY A 10 -6.73 -14.20 -11.43
CA GLY A 10 -7.56 -13.48 -10.49
C GLY A 10 -8.11 -14.41 -9.41
N VAL A 11 -7.26 -15.31 -8.89
CA VAL A 11 -7.63 -16.24 -7.84
C VAL A 11 -7.91 -15.51 -6.52
N GLY A 12 -7.18 -14.41 -6.28
CA GLY A 12 -7.38 -13.52 -5.15
C GLY A 12 -8.76 -12.88 -5.21
N GLY A 13 -9.17 -12.43 -6.40
CA GLY A 13 -10.51 -11.89 -6.64
C GLY A 13 -10.77 -10.60 -5.87
N PRO A 14 -12.05 -10.21 -5.74
CA PRO A 14 -12.50 -9.05 -4.97
C PRO A 14 -11.97 -9.09 -3.54
N GLY A 15 -12.12 -10.26 -2.95
CA GLY A 15 -11.71 -10.58 -1.59
C GLY A 15 -10.25 -10.18 -1.32
N HIS A 16 -9.34 -10.50 -2.24
CA HIS A 16 -7.95 -10.06 -2.12
C HIS A 16 -7.78 -8.64 -2.60
N LYS A 17 -8.58 -8.19 -3.58
CA LYS A 17 -8.51 -6.80 -4.00
C LYS A 17 -8.88 -5.88 -2.84
N ALA A 18 -9.67 -6.38 -1.89
CA ALA A 18 -10.01 -5.67 -0.67
C ALA A 18 -8.77 -5.64 0.24
N ARG A 19 -8.04 -6.76 0.33
CA ARG A 19 -6.85 -6.83 1.17
C ARG A 19 -5.71 -5.98 0.58
N VAL A 20 -5.56 -6.00 -0.75
CA VAL A 20 -4.49 -5.36 -1.49
C VAL A 20 -4.69 -3.85 -1.47
N LEU A 21 -5.95 -3.40 -1.53
CA LEU A 21 -6.29 -2.01 -1.40
C LEU A 21 -5.96 -1.58 0.03
N ALA A 22 -6.51 -2.28 1.03
CA ALA A 22 -6.27 -2.00 2.45
C ALA A 22 -4.77 -1.87 2.75
N GLU A 23 -3.94 -2.72 2.15
CA GLU A 23 -2.49 -2.69 2.27
C GLU A 23 -1.95 -1.38 1.72
N ALA A 24 -2.44 -1.01 0.53
CA ALA A 24 -1.97 0.18 -0.17
C ALA A 24 -2.44 1.44 0.52
N MET A 25 -3.63 1.43 1.12
CA MET A 25 -4.18 2.49 1.91
C MET A 25 -3.61 2.48 3.31
N SER A 26 -2.68 1.56 3.61
CA SER A 26 -1.93 1.49 4.86
C SER A 26 -0.48 1.88 4.57
N GLN A 27 -0.07 1.83 3.29
CA GLN A 27 1.27 2.15 2.82
C GLN A 27 1.37 3.58 2.27
N VAL A 28 0.39 4.01 1.46
CA VAL A 28 0.37 5.33 0.84
C VAL A 28 0.19 6.37 1.94
N THR A 29 -0.76 6.09 2.84
CA THR A 29 -1.03 6.87 4.03
C THR A 29 0.19 6.98 4.92
N ASN A 30 0.94 5.88 5.02
CA ASN A 30 2.20 5.83 5.74
C ASN A 30 3.24 6.70 5.06
N SER A 31 3.28 6.67 3.73
CA SER A 31 4.19 7.50 2.95
C SER A 31 3.89 8.97 3.18
N ALA A 32 2.62 9.31 3.49
CA ALA A 32 2.19 10.65 3.85
C ALA A 32 2.41 10.92 5.35
N THR A 33 2.37 9.89 6.20
CA THR A 33 2.68 10.02 7.63
C THR A 33 4.14 10.42 7.76
N ILE A 34 4.99 9.92 6.85
CA ILE A 34 6.38 10.29 6.77
C ILE A 34 6.48 11.78 6.51
N MET A 35 5.60 12.36 5.69
CA MET A 35 5.61 13.78 5.33
C MET A 35 5.32 14.65 6.54
N MET A 36 4.32 14.22 7.33
CA MET A 36 3.94 14.90 8.56
C MET A 36 5.12 14.88 9.53
N GLN A 37 5.65 13.67 9.71
CA GLN A 37 6.84 13.34 10.47
C GLN A 37 8.08 14.10 9.97
N ARG A 38 8.13 14.46 8.68
CA ARG A 38 9.22 15.22 8.06
C ARG A 38 9.18 16.71 8.38
N GLY A 39 8.87 16.99 9.64
CA GLY A 39 8.71 18.30 10.24
C GLY A 39 8.26 18.11 11.69
N ASN A 40 7.10 17.48 11.89
CA ASN A 40 6.47 17.31 13.22
C ASN A 40 7.04 16.10 13.96
N PHE A 41 8.36 15.92 13.90
CA PHE A 41 9.14 14.89 14.57
C PHE A 41 10.60 15.17 14.25
N ARG A 42 10.91 15.24 12.95
CA ARG A 42 12.21 15.55 12.39
C ARG A 42 12.83 16.78 13.03
N ASN A 43 12.15 17.92 12.86
CA ASN A 43 12.61 19.21 13.32
C ASN A 43 12.52 19.30 14.84
N GLN A 44 11.45 18.74 15.41
CA GLN A 44 11.17 18.71 16.82
C GLN A 44 12.33 18.15 17.63
N ARG A 45 12.74 16.95 17.24
CA ARG A 45 13.76 16.14 17.91
C ARG A 45 13.30 15.85 19.33
N LYS A 46 12.06 15.34 19.44
CA LYS A 46 11.34 15.07 20.65
C LYS A 46 11.45 13.58 20.89
N ILE A 47 10.28 12.97 20.85
CA ILE A 47 9.99 11.55 20.93
C ILE A 47 10.73 10.77 19.84
N VAL A 48 10.90 9.46 20.07
CA VAL A 48 11.52 8.54 19.13
C VAL A 48 10.44 7.66 18.48
#